data_3ZMZ
#
_entry.id   3ZMZ
#
_cell.length_a   118.950
_cell.length_b   179.270
_cell.length_c   234.380
_cell.angle_alpha   90.00
_cell.angle_beta   90.00
_cell.angle_gamma   90.00
#
_symmetry.space_group_name_H-M   'I 2 2 2'
#
loop_
_entity.id
_entity.type
_entity.pdbx_description
1 polymer 'LYSINE-SPECIFIC HISTONE DEMETHYLASE 1A'
2 polymer 'REST COREPRESSOR 1'
3 polymer PEPTIDE
4 non-polymer 'FLAVIN-ADENINE DINUCLEOTIDE'
#
loop_
_entity_poly.entity_id
_entity_poly.type
_entity_poly.pdbx_seq_one_letter_code
_entity_poly.pdbx_strand_id
1 'polypeptide(L)'
;MLSGKKAAAAAAAAAAAATGTEAGPGTAGGSENGSEVAAQPAGLSGPAEVGPGAVGERTPRKKEPPRASPPGGLAEPPGS
AGPQAGPTVVPGSATPMETGIAETPEGRRTSRRKRAKVEYREMDESLANLSEDEYYSEEERNAKAEKEKKLPPPPPQAPP
EEENESEPEEPSGQAGGLQDDSSGGYGDGQPSGVEGAAFQSRLPHDRMTSQEAACFPDIISGPQQTQKVFLFIRNRTLQL
WLDNPKIQLTFEATLQQLEAPYNSDTVLVHRVHSYLERHGLINFGIYKRIKPLPTKKTGKVIIIGSGVSGLAAARQLQSF
GMDVTLLEARDRVGGRVATFRKGNYVADLGAMVVTGLGGNPMAVVSKQVNMELAKIKQKCPLYEANGQAVPKEKDEMVEQ
EFNRLLEATSYLSHQLDFNVLNNKPVSLGQALEVVIQLQEKHVKDEQIEHWKKIVKTQEELKELLNKMVNLKEKIKELHQ
QYKEASEVKPPRDITAEFLVKSKHRDLTALCKEYDELAETQGKLEEKLQELEANPPSDVYLSSRDRQILDWHFANLEFAN
ATPLSTLSLKHWDQDDDFEFTGSHLTVRNGYSCVPVALAEGLDIKLNTAVRQVRYTASGCEVIAVNTRSTSQTFIYKCDA
VLCTLPLGVLKQQPPAVQFVPPLPEWKTSAVQRMGFGNLNKVVLCFDRVFWDPSVNLFGHVGSTTASRGELFLFWNLYKA
PILLALVAGEAAGIMENISDDVIVGRCLAILKGIFGSSAVPQPKETVVSRWRADPWARGSYSYVAAGSSGNDYDLMAQPI
TPGPSIPGAPQPIPRLFFAGEHTIRNYPATVHGALLSGLREAGRIADQFLGAMYTLPRQATPGVPAQQSPSM
;
A
2 'polypeptide(L)'
;MVEKGPEVSGKRRGRNNAAASASAAAASAAASAACASPAATAASGAAASSASAAAASAAAAPNNGQNKSLAAAAPNGNSS
SNSWEEGSSGSSSDEEHGGGGMRVGPQYQAVVPDFDPAKLARRSQERDNLGMLVWSPNQNLSEAKLDEYIAIAKEKHGYN
MEQALGMLFWHKHNIEKSLADLPNFTPFPDEWTVEDKVLFEQAFSFHGKTFHRIQQMLPDKSIASLVKFYYSWKKTRTKT
SVMDRHARKQKREREESEDELEEANGNNPIDIEVDQNKESKKEVPPTETVPQVKKEKHSTQAKNRAKRKPPKGMFLSQED
VEAVSANATAATTVLRQLDMELVSVKRQIQNIKQTNSALKEKLDGGIEPYRLPEVIQKCNARWTTEEQLLAVQAIRKYGR
DFQAISDVIGNKSVVQVKNFFVNYRRRFNIDEVLQEWEAEHGKEETNGPSNQKPVKSPDNSIKMPEEEDEAPVLDVRYAS
AS
;
B
3 'polypeptide(L)' PRSFAV C
#
# COMPACT_ATOMS: atom_id res chain seq x y z
N PRO A 191 9.91 -13.55 22.69
CA PRO A 191 10.37 -13.41 24.07
C PRO A 191 9.82 -14.52 24.98
N SER A 192 10.53 -14.79 26.08
CA SER A 192 10.13 -15.82 27.06
C SER A 192 10.56 -15.47 28.48
N GLY A 193 10.00 -16.17 29.46
CA GLY A 193 10.30 -15.92 30.87
C GLY A 193 9.42 -14.82 31.44
N VAL A 194 9.96 -14.06 32.39
CA VAL A 194 9.24 -12.95 33.00
C VAL A 194 9.00 -11.82 32.00
N GLU A 195 9.97 -11.60 31.12
CA GLU A 195 9.89 -10.54 30.11
C GLU A 195 8.89 -10.88 29.02
N GLY A 196 8.69 -12.18 28.78
CA GLY A 196 7.73 -12.65 27.79
C GLY A 196 6.30 -12.45 28.24
N ALA A 197 6.08 -12.58 29.54
CA ALA A 197 4.77 -12.36 30.15
C ALA A 197 4.31 -10.90 30.00
N ALA A 198 5.26 -9.97 30.08
CA ALA A 198 4.98 -8.55 29.83
C ALA A 198 4.58 -8.32 28.38
N PHE A 199 5.27 -9.00 27.48
CA PHE A 199 4.97 -8.95 26.05
C PHE A 199 3.59 -9.55 25.77
N GLN A 200 3.32 -10.71 26.36
CA GLN A 200 2.03 -11.39 26.19
C GLN A 200 0.89 -10.60 26.83
N SER A 201 1.25 -9.60 27.64
CA SER A 201 0.27 -8.70 28.26
C SER A 201 0.34 -7.28 27.67
N ARG A 202 1.00 -7.15 26.52
CA ARG A 202 1.09 -5.88 25.78
C ARG A 202 1.74 -4.74 26.56
N LEU A 203 2.73 -5.09 27.41
CA LEU A 203 3.44 -4.11 28.24
C LEU A 203 4.95 -4.21 28.04
N PRO A 204 5.65 -3.05 28.04
CA PRO A 204 7.11 -3.07 28.02
C PRO A 204 7.66 -3.68 29.31
N HIS A 205 8.57 -4.64 29.17
CA HIS A 205 9.08 -5.41 30.31
C HIS A 205 10.02 -4.62 31.19
N ASP A 206 10.64 -3.59 30.63
CA ASP A 206 11.68 -2.83 31.31
C ASP A 206 11.32 -1.36 31.50
N ARG A 207 10.05 -1.04 31.30
CA ARG A 207 9.59 0.34 31.44
C ARG A 207 8.18 0.39 32.02
N MET A 208 7.91 1.44 32.80
CA MET A 208 6.59 1.63 33.41
C MET A 208 5.66 2.37 32.47
N THR A 209 4.44 1.85 32.30
CA THR A 209 3.44 2.45 31.42
C THR A 209 2.85 3.72 32.03
N SER A 210 2.14 4.49 31.20
CA SER A 210 1.49 5.72 31.66
C SER A 210 0.42 5.46 32.72
N GLN A 211 -0.30 4.34 32.56
CA GLN A 211 -1.30 3.92 33.54
C GLN A 211 -0.65 3.56 34.87
N GLU A 212 0.49 2.89 34.80
CA GLU A 212 1.27 2.52 35.98
C GLU A 212 1.81 3.75 36.71
N ALA A 213 2.18 4.77 35.96
CA ALA A 213 2.67 6.03 36.54
C ALA A 213 1.59 6.72 37.37
N ALA A 214 0.33 6.58 36.94
CA ALA A 214 -0.79 7.20 37.64
C ALA A 214 -1.10 6.52 38.96
N CYS A 215 -1.06 5.19 38.98
CA CYS A 215 -1.34 4.41 40.19
C CYS A 215 -0.15 4.34 41.15
N PHE A 216 1.06 4.45 40.60
CA PHE A 216 2.26 4.35 41.41
C PHE A 216 3.17 5.56 41.20
N PRO A 217 2.66 6.77 41.44
CA PRO A 217 3.49 7.97 41.19
C PRO A 217 4.68 8.05 42.12
N ASP A 218 4.55 7.43 43.29
CA ASP A 218 5.62 7.32 44.27
C ASP A 218 6.82 6.56 43.71
N ILE A 219 6.55 5.46 42.99
CA ILE A 219 7.59 4.59 42.46
C ILE A 219 8.31 5.20 41.25
N ILE A 220 7.54 5.62 40.25
CA ILE A 220 8.11 6.08 38.99
C ILE A 220 8.90 7.40 39.13
N SER A 221 8.53 8.24 40.08
CA SER A 221 9.28 9.46 40.35
C SER A 221 10.46 9.17 41.27
N GLY A 222 10.43 7.99 41.89
CA GLY A 222 11.45 7.57 42.85
C GLY A 222 12.74 7.06 42.21
N PRO A 223 13.59 6.39 43.01
CA PRO A 223 14.87 5.85 42.52
C PRO A 223 14.72 4.68 41.54
N GLN A 224 15.65 4.61 40.59
CA GLN A 224 15.66 3.61 39.52
C GLN A 224 15.65 2.17 40.04
N GLN A 225 16.23 1.96 41.21
CA GLN A 225 16.28 0.65 41.84
C GLN A 225 14.88 0.13 42.13
N THR A 226 14.05 0.99 42.74
CA THR A 226 12.68 0.63 43.11
C THR A 226 11.84 0.28 41.88
N GLN A 227 12.01 1.07 40.82
CA GLN A 227 11.30 0.85 39.55
C GLN A 227 11.50 -0.56 39.03
N LYS A 228 12.76 -1.01 39.02
CA LYS A 228 13.11 -2.36 38.57
C LYS A 228 12.54 -3.44 39.48
N VAL A 229 12.44 -3.15 40.77
CA VAL A 229 11.77 -4.05 41.71
C VAL A 229 10.31 -4.15 41.31
N PHE A 230 9.66 -2.99 41.16
CA PHE A 230 8.26 -2.91 40.75
C PHE A 230 8.01 -3.73 39.48
N LEU A 231 8.81 -3.44 38.46
CA LEU A 231 8.65 -4.06 37.14
C LEU A 231 8.74 -5.58 37.23
N PHE A 232 9.69 -6.09 38.01
CA PHE A 232 9.83 -7.53 38.20
C PHE A 232 8.60 -8.13 38.88
N ILE A 233 8.10 -7.45 39.91
CA ILE A 233 6.92 -7.91 40.63
C ILE A 233 5.74 -8.02 39.66
N ARG A 234 5.52 -6.95 38.89
CA ARG A 234 4.46 -6.90 37.89
C ARG A 234 4.60 -8.02 36.86
N ASN A 235 5.78 -8.13 36.28
CA ASN A 235 6.08 -9.17 35.28
C ASN A 235 5.90 -10.59 35.83
N ARG A 236 6.40 -10.82 37.04
CA ARG A 236 6.32 -12.14 37.68
C ARG A 236 4.88 -12.53 37.96
N THR A 237 4.09 -11.59 38.48
CA THR A 237 2.68 -11.84 38.78
C THR A 237 1.90 -12.16 37.50
N LEU A 238 2.20 -11.41 36.43
CA LEU A 238 1.62 -11.67 35.12
C LEU A 238 1.98 -13.08 34.63
N GLN A 239 3.27 -13.42 34.74
CA GLN A 239 3.75 -14.76 34.39
C GLN A 239 2.95 -15.83 35.11
N LEU A 240 2.79 -15.66 36.42
CA LEU A 240 2.05 -16.62 37.24
C LEU A 240 0.63 -16.84 36.74
N TRP A 241 -0.06 -15.74 36.46
CA TRP A 241 -1.42 -15.78 35.93
C TRP A 241 -1.46 -16.42 34.57
N LEU A 242 -0.54 -16.03 33.69
CA LEU A 242 -0.50 -16.53 32.32
C LEU A 242 -0.16 -18.02 32.25
N ASP A 243 0.70 -18.48 33.15
CA ASP A 243 1.12 -19.89 33.20
C ASP A 243 -0.03 -20.83 33.56
N ASN A 244 -1.05 -20.29 34.23
CA ASN A 244 -2.22 -21.04 34.63
C ASN A 244 -3.45 -20.13 34.75
N PRO A 245 -4.10 -19.82 33.61
CA PRO A 245 -5.21 -18.87 33.63
C PRO A 245 -6.59 -19.51 33.85
N LYS A 246 -6.62 -20.79 34.24
CA LYS A 246 -7.90 -21.47 34.50
C LYS A 246 -8.34 -21.40 35.97
N ILE A 247 -7.47 -20.87 36.83
CA ILE A 247 -7.80 -20.61 38.24
C ILE A 247 -7.41 -19.19 38.65
N GLN A 248 -8.16 -18.62 39.58
CA GLN A 248 -7.90 -17.26 40.08
C GLN A 248 -6.53 -17.18 40.76
N LEU A 249 -5.80 -16.11 40.49
CA LEU A 249 -4.55 -15.85 41.18
C LEU A 249 -4.76 -14.84 42.30
N THR A 250 -4.73 -15.33 43.53
CA THR A 250 -4.91 -14.51 44.73
C THR A 250 -3.61 -13.81 45.11
N PHE A 251 -3.71 -12.81 45.98
CA PHE A 251 -2.54 -12.11 46.49
C PHE A 251 -1.67 -13.05 47.32
N GLU A 252 -2.32 -13.91 48.10
CA GLU A 252 -1.66 -14.93 48.92
C GLU A 252 -0.79 -15.85 48.08
N ALA A 253 -1.39 -16.39 47.02
CA ALA A 253 -0.69 -17.29 46.09
C ALA A 253 0.48 -16.60 45.38
N THR A 254 0.33 -15.30 45.14
CA THR A 254 1.36 -14.51 44.46
C THR A 254 2.59 -14.33 45.34
N LEU A 255 2.38 -13.84 46.56
CA LEU A 255 3.45 -13.60 47.53
C LEU A 255 4.16 -14.90 47.89
N GLN A 256 3.40 -16.00 47.89
CA GLN A 256 3.92 -17.34 48.12
C GLN A 256 5.06 -17.69 47.17
N GLN A 257 4.93 -17.30 45.90
CA GLN A 257 5.90 -17.68 44.87
C GLN A 257 6.93 -16.60 44.53
N LEU A 258 6.98 -15.55 45.32
CA LEU A 258 7.98 -14.49 45.16
C LEU A 258 9.21 -14.73 46.04
N GLU A 259 10.37 -14.34 45.51
CA GLU A 259 11.65 -14.53 46.21
C GLU A 259 12.16 -13.23 46.81
N ALA A 260 13.16 -13.33 47.68
CA ALA A 260 13.84 -12.16 48.22
C ALA A 260 14.72 -11.53 47.14
N PRO A 261 14.88 -10.19 47.14
CA PRO A 261 14.32 -9.23 48.08
C PRO A 261 12.91 -8.74 47.68
N TYR A 262 12.32 -9.40 46.68
CA TYR A 262 11.05 -8.95 46.11
C TYR A 262 9.84 -9.26 46.99
N ASN A 263 9.93 -10.34 47.77
CA ASN A 263 8.82 -10.73 48.66
C ASN A 263 8.89 -10.10 50.05
N SER A 264 9.83 -9.18 50.24
CA SER A 264 10.01 -8.49 51.51
C SER A 264 8.94 -7.42 51.73
N ASP A 265 8.79 -6.53 50.74
CA ASP A 265 7.78 -5.47 50.79
C ASP A 265 6.43 -6.04 50.38
N THR A 266 5.62 -6.44 51.36
CA THR A 266 4.35 -7.10 51.10
C THR A 266 3.26 -6.15 50.62
N VAL A 267 3.36 -4.88 51.01
CA VAL A 267 2.38 -3.88 50.56
C VAL A 267 2.59 -3.45 49.11
N LEU A 268 3.84 -3.44 48.66
CA LEU A 268 4.14 -3.20 47.24
C LEU A 268 3.59 -4.35 46.39
N VAL A 269 3.78 -5.58 46.85
CA VAL A 269 3.24 -6.77 46.18
C VAL A 269 1.71 -6.70 46.13
N HIS A 270 1.09 -6.22 47.21
CA HIS A 270 -0.36 -6.08 47.28
C HIS A 270 -0.87 -4.98 46.40
N ARG A 271 -0.16 -3.86 46.35
CA ARG A 271 -0.52 -2.75 45.45
C ARG A 271 -0.47 -3.19 43.99
N VAL A 272 0.59 -3.90 43.61
CA VAL A 272 0.76 -4.41 42.26
C VAL A 272 -0.34 -5.40 41.89
N HIS A 273 -0.54 -6.43 42.73
CA HIS A 273 -1.55 -7.46 42.46
C HIS A 273 -2.91 -6.89 42.29
N SER A 274 -3.26 -5.93 43.15
CA SER A 274 -4.58 -5.29 43.09
C SER A 274 -4.77 -4.49 41.82
N TYR A 275 -3.71 -3.78 41.41
CA TYR A 275 -3.68 -3.01 40.16
C TYR A 275 -3.93 -3.91 38.96
N LEU A 276 -3.23 -5.04 38.92
CA LEU A 276 -3.34 -5.99 37.82
C LEU A 276 -4.70 -6.68 37.77
N GLU A 277 -5.29 -6.87 38.95
CA GLU A 277 -6.61 -7.49 39.03
C GLU A 277 -7.69 -6.51 38.59
N ARG A 278 -7.54 -5.26 39.01
CA ARG A 278 -8.49 -4.20 38.72
C ARG A 278 -8.61 -3.96 37.23
N HIS A 279 -7.47 -3.84 36.57
CA HIS A 279 -7.45 -3.51 35.15
C HIS A 279 -7.42 -4.71 34.24
N GLY A 280 -7.79 -5.86 34.79
CA GLY A 280 -8.02 -7.06 34.00
C GLY A 280 -6.83 -7.64 33.27
N LEU A 281 -5.63 -7.38 33.78
CA LEU A 281 -4.42 -7.99 33.22
C LEU A 281 -4.26 -9.40 33.78
N ILE A 282 -4.78 -9.62 35.00
CA ILE A 282 -4.87 -10.94 35.60
C ILE A 282 -6.31 -11.19 36.05
N ASN A 283 -6.68 -12.46 36.17
CA ASN A 283 -8.05 -12.88 36.58
C ASN A 283 -9.16 -12.26 35.74
N PHE A 284 -9.09 -12.50 34.43
CA PHE A 284 -10.14 -12.07 33.51
C PHE A 284 -10.61 -13.26 32.67
N GLY A 285 -11.89 -13.26 32.30
CA GLY A 285 -12.46 -14.33 31.50
C GLY A 285 -13.19 -15.35 32.34
N ILE A 286 -12.80 -16.62 32.17
CA ILE A 286 -13.47 -17.73 32.87
C ILE A 286 -12.48 -18.58 33.66
N TYR A 287 -12.58 -18.49 34.98
CA TYR A 287 -11.62 -19.12 35.89
C TYR A 287 -12.30 -19.50 37.20
N LYS A 288 -11.79 -20.55 37.84
CA LYS A 288 -12.28 -20.98 39.16
C LYS A 288 -11.92 -19.95 40.22
N ARG A 289 -12.92 -19.55 40.98
CA ARG A 289 -12.77 -18.51 42.00
C ARG A 289 -12.33 -19.14 43.31
N ILE A 290 -11.17 -18.73 43.81
CA ILE A 290 -10.68 -19.21 45.11
C ILE A 290 -11.44 -18.51 46.25
N LYS A 291 -11.44 -17.18 46.25
CA LYS A 291 -12.26 -16.41 47.17
C LYS A 291 -13.70 -16.34 46.63
N PRO A 292 -14.67 -16.93 47.37
CA PRO A 292 -16.07 -16.87 46.92
C PRO A 292 -16.61 -15.44 46.89
N LEU A 293 -17.58 -15.19 46.02
CA LEU A 293 -18.13 -13.86 45.79
C LEU A 293 -18.61 -13.17 47.08
N PRO A 294 -18.37 -11.85 47.21
CA PRO A 294 -18.77 -11.07 48.39
C PRO A 294 -20.23 -11.25 48.78
N THR A 295 -20.48 -11.29 50.09
CA THR A 295 -21.82 -11.53 50.64
C THR A 295 -22.91 -10.66 50.01
N LYS A 296 -22.72 -9.35 50.07
CA LYS A 296 -23.64 -8.41 49.43
C LYS A 296 -22.94 -7.49 48.43
N LYS A 297 -23.66 -7.11 47.39
CA LYS A 297 -23.12 -6.36 46.27
C LYS A 297 -23.14 -4.86 46.52
N THR A 298 -22.13 -4.17 46.01
CA THR A 298 -22.01 -2.72 46.16
C THR A 298 -22.16 -2.06 44.80
N GLY A 299 -23.07 -1.09 44.72
CA GLY A 299 -23.34 -0.37 43.47
C GLY A 299 -24.12 -1.17 42.45
N LYS A 300 -24.76 -0.47 41.52
CA LYS A 300 -25.55 -1.11 40.47
C LYS A 300 -25.26 -0.53 39.09
N VAL A 301 -24.85 -1.40 38.16
CA VAL A 301 -24.48 -1.00 36.80
C VAL A 301 -25.38 -1.66 35.76
N ILE A 302 -25.93 -0.83 34.88
CA ILE A 302 -26.68 -1.31 33.72
C ILE A 302 -25.77 -1.25 32.51
N ILE A 303 -25.58 -2.40 31.86
CA ILE A 303 -24.74 -2.52 30.67
C ILE A 303 -25.62 -2.69 29.43
N ILE A 304 -25.50 -1.75 28.50
CA ILE A 304 -26.24 -1.81 27.24
C ILE A 304 -25.48 -2.64 26.21
N GLY A 305 -26.09 -3.73 25.79
CA GLY A 305 -25.50 -4.64 24.81
C GLY A 305 -24.72 -5.77 25.46
N SER A 306 -24.93 -6.98 24.98
CA SER A 306 -24.18 -8.13 25.47
C SER A 306 -23.27 -8.71 24.37
N GLY A 307 -22.58 -7.81 23.66
CA GLY A 307 -21.47 -8.18 22.80
C GLY A 307 -20.30 -8.60 23.66
N VAL A 308 -19.16 -8.86 23.03
CA VAL A 308 -17.98 -9.29 23.79
C VAL A 308 -17.53 -8.20 24.77
N SER A 309 -17.52 -6.95 24.33
CA SER A 309 -17.13 -5.84 25.20
C SER A 309 -18.04 -5.77 26.44
N GLY A 310 -19.36 -5.80 26.19
CA GLY A 310 -20.35 -5.82 27.27
C GLY A 310 -20.11 -6.97 28.25
N LEU A 311 -19.95 -8.18 27.72
CA LEU A 311 -19.75 -9.38 28.54
C LEU A 311 -18.46 -9.34 29.33
N ALA A 312 -17.36 -8.92 28.70
CA ALA A 312 -16.08 -8.82 29.36
C ALA A 312 -16.15 -7.86 30.55
N ALA A 313 -16.85 -6.73 30.38
CA ALA A 313 -17.05 -5.77 31.45
C ALA A 313 -17.92 -6.35 32.57
N ALA A 314 -19.06 -6.91 32.18
CA ALA A 314 -19.99 -7.55 33.12
C ALA A 314 -19.30 -8.53 34.06
N ARG A 315 -18.51 -9.45 33.49
CA ARG A 315 -17.80 -10.44 34.28
C ARG A 315 -16.83 -9.82 35.28
N GLN A 316 -16.14 -8.77 34.85
CA GLN A 316 -15.20 -8.06 35.70
C GLN A 316 -15.92 -7.36 36.85
N LEU A 317 -17.03 -6.68 36.54
CA LEU A 317 -17.77 -5.93 37.55
C LEU A 317 -18.40 -6.84 38.58
N GLN A 318 -18.92 -7.98 38.13
CA GLN A 318 -19.41 -9.02 39.03
C GLN A 318 -18.26 -9.58 39.88
N SER A 319 -17.09 -9.74 39.27
CA SER A 319 -15.87 -10.13 40.00
C SER A 319 -15.54 -9.16 41.11
N PHE A 320 -15.82 -7.88 40.88
CA PHE A 320 -15.51 -6.84 41.85
C PHE A 320 -16.64 -6.66 42.87
N GLY A 321 -17.64 -7.54 42.79
CA GLY A 321 -18.77 -7.53 43.71
C GLY A 321 -19.76 -6.40 43.47
N MET A 322 -20.10 -6.15 42.21
CA MET A 322 -21.12 -5.16 41.87
C MET A 322 -22.37 -5.85 41.33
N ASP A 323 -23.49 -5.14 41.38
CA ASP A 323 -24.73 -5.63 40.79
C ASP A 323 -24.76 -5.22 39.32
N VAL A 324 -24.83 -6.22 38.46
CA VAL A 324 -24.72 -6.00 37.01
C VAL A 324 -25.88 -6.65 36.26
N THR A 325 -26.49 -5.88 35.36
CA THR A 325 -27.48 -6.41 34.43
C THR A 325 -27.20 -5.90 33.01
N LEU A 326 -27.18 -6.84 32.06
CA LEU A 326 -26.97 -6.53 30.65
C LEU A 326 -28.31 -6.50 29.91
N LEU A 327 -28.49 -5.46 29.09
CA LEU A 327 -29.69 -5.34 28.27
C LEU A 327 -29.34 -5.59 26.82
N GLU A 328 -29.95 -6.62 26.25
CA GLU A 328 -29.63 -7.05 24.89
C GLU A 328 -30.90 -7.04 24.03
N ALA A 329 -30.83 -6.34 22.91
CA ALA A 329 -31.94 -6.25 21.96
C ALA A 329 -32.17 -7.58 21.23
N ARG A 330 -31.09 -8.29 20.93
CA ARG A 330 -31.16 -9.58 20.25
C ARG A 330 -31.66 -10.69 21.19
N ASP A 331 -32.00 -11.83 20.60
CA ASP A 331 -32.39 -13.02 21.35
C ASP A 331 -31.19 -13.94 21.61
N ARG A 332 -29.98 -13.38 21.48
CA ARG A 332 -28.74 -14.11 21.70
C ARG A 332 -27.64 -13.14 22.15
N VAL A 333 -26.65 -13.68 22.85
CA VAL A 333 -25.45 -12.92 23.20
C VAL A 333 -24.42 -13.01 22.07
N GLY A 334 -23.45 -12.09 22.08
CA GLY A 334 -22.34 -12.13 21.15
C GLY A 334 -22.28 -10.96 20.20
N GLY A 335 -23.45 -10.42 19.86
CA GLY A 335 -23.54 -9.31 18.93
C GLY A 335 -22.92 -9.63 17.59
N ARG A 336 -21.83 -8.92 17.27
CA ARG A 336 -21.14 -9.11 16.01
C ARG A 336 -20.31 -10.40 15.96
N VAL A 337 -20.33 -11.17 17.05
CA VAL A 337 -19.85 -12.54 17.00
C VAL A 337 -21.07 -13.42 16.76
N ALA A 338 -21.35 -13.67 15.49
CA ALA A 338 -22.49 -14.48 15.07
C ALA A 338 -22.01 -15.75 14.39
N THR A 339 -22.53 -16.89 14.82
CA THR A 339 -22.15 -18.19 14.28
C THR A 339 -23.35 -18.97 13.80
N PHE A 340 -23.37 -19.26 12.49
CA PHE A 340 -24.42 -20.10 11.92
C PHE A 340 -24.20 -21.56 12.28
N ARG A 341 -25.26 -22.19 12.77
CA ARG A 341 -25.23 -23.61 13.13
C ARG A 341 -26.47 -24.33 12.64
N LYS A 342 -26.24 -25.39 11.87
CA LYS A 342 -27.30 -26.27 11.39
C LYS A 342 -26.72 -27.63 11.09
N GLY A 343 -27.22 -28.65 11.77
CA GLY A 343 -26.72 -30.01 11.64
C GLY A 343 -25.27 -30.11 12.04
N ASN A 344 -24.39 -30.18 11.04
CA ASN A 344 -22.95 -30.23 11.25
C ASN A 344 -22.27 -28.98 10.71
N TYR A 345 -23.03 -28.20 9.92
CA TYR A 345 -22.51 -26.98 9.34
C TYR A 345 -22.32 -25.92 10.42
N VAL A 346 -21.11 -25.37 10.48
CA VAL A 346 -20.76 -24.31 11.43
C VAL A 346 -19.96 -23.26 10.66
N ALA A 347 -20.47 -22.03 10.62
CA ALA A 347 -19.78 -20.94 9.93
C ALA A 347 -20.07 -19.57 10.55
N ASP A 348 -19.01 -18.82 10.80
CA ASP A 348 -19.13 -17.48 11.38
C ASP A 348 -19.56 -16.44 10.34
N LEU A 349 -20.62 -15.71 10.67
CA LEU A 349 -21.12 -14.64 9.82
C LEU A 349 -20.57 -13.30 10.27
N GLY A 350 -20.03 -13.28 11.49
CA GLY A 350 -19.36 -12.10 12.04
C GLY A 350 -17.88 -12.39 12.19
N ALA A 351 -17.34 -12.14 13.39
CA ALA A 351 -15.94 -12.41 13.67
C ALA A 351 -15.58 -13.87 13.37
N MET A 352 -14.38 -14.07 12.83
CA MET A 352 -13.98 -15.36 12.28
C MET A 352 -12.53 -15.72 12.58
N VAL A 353 -11.65 -14.74 12.51
CA VAL A 353 -10.21 -14.95 12.60
C VAL A 353 -9.61 -14.43 13.90
N VAL A 354 -8.83 -15.26 14.57
CA VAL A 354 -7.99 -14.83 15.67
C VAL A 354 -6.67 -14.38 15.06
N THR A 355 -6.39 -13.09 15.11
CA THR A 355 -5.26 -12.51 14.37
C THR A 355 -3.92 -12.61 15.10
N GLY A 356 -3.54 -13.84 15.43
CA GLY A 356 -2.24 -14.12 16.06
C GLY A 356 -2.29 -14.15 17.57
N LEU A 357 -1.68 -15.16 18.17
CA LEU A 357 -1.71 -15.34 19.63
C LEU A 357 -0.64 -14.53 20.37
N GLY A 358 0.28 -13.90 19.64
CA GLY A 358 1.39 -13.18 20.23
C GLY A 358 1.00 -11.85 20.88
N GLY A 359 0.67 -11.91 22.16
CA GLY A 359 0.23 -10.73 22.91
C GLY A 359 -1.28 -10.56 22.88
N ASN A 360 -1.97 -11.57 22.38
CA ASN A 360 -3.42 -11.56 22.25
C ASN A 360 -4.10 -11.98 23.56
N PRO A 361 -5.02 -11.12 24.07
CA PRO A 361 -5.81 -11.53 25.23
C PRO A 361 -6.66 -12.77 24.91
N MET A 362 -6.94 -13.00 23.63
CA MET A 362 -7.70 -14.17 23.21
C MET A 362 -6.92 -15.46 23.44
N ALA A 363 -5.59 -15.36 23.48
CA ALA A 363 -4.71 -16.47 23.80
C ALA A 363 -5.04 -17.05 25.18
N VAL A 364 -5.28 -16.15 26.14
CA VAL A 364 -5.73 -16.53 27.48
C VAL A 364 -7.10 -17.20 27.41
N VAL A 365 -8.03 -16.54 26.73
CA VAL A 365 -9.41 -17.02 26.61
C VAL A 365 -9.46 -18.41 25.98
N SER A 366 -8.60 -18.66 25.00
CA SER A 366 -8.55 -19.92 24.27
C SER A 366 -8.13 -21.10 25.14
N LYS A 367 -7.49 -20.79 26.27
CA LYS A 367 -7.13 -21.82 27.24
C LYS A 367 -8.28 -22.06 28.22
N GLN A 368 -9.12 -21.03 28.41
CA GLN A 368 -10.25 -21.10 29.34
C GLN A 368 -11.49 -21.68 28.67
N VAL A 369 -11.68 -21.36 27.40
CA VAL A 369 -12.83 -21.82 26.62
C VAL A 369 -12.34 -22.79 25.56
N ASN A 370 -13.10 -23.87 25.36
CA ASN A 370 -12.77 -24.84 24.33
C ASN A 370 -13.01 -24.29 22.92
N MET A 371 -12.00 -23.59 22.40
CA MET A 371 -11.99 -23.14 21.01
C MET A 371 -11.08 -24.09 20.23
N GLU A 372 -11.58 -24.64 19.15
CA GLU A 372 -10.76 -25.45 18.26
C GLU A 372 -10.08 -24.52 17.28
N LEU A 373 -8.90 -24.05 17.65
CA LEU A 373 -8.14 -23.10 16.82
C LEU A 373 -7.31 -23.79 15.75
N ALA A 374 -7.51 -23.38 14.50
CA ALA A 374 -6.79 -23.96 13.37
C ALA A 374 -6.06 -22.87 12.60
N LYS A 375 -4.78 -23.08 12.33
CA LYS A 375 -3.96 -22.12 11.59
C LYS A 375 -4.45 -21.97 10.15
N ILE A 376 -4.26 -20.78 9.59
CA ILE A 376 -4.66 -20.51 8.21
C ILE A 376 -3.42 -20.36 7.34
N LYS A 377 -3.25 -21.29 6.40
CA LYS A 377 -2.16 -21.22 5.43
C LYS A 377 -2.47 -20.07 4.48
N GLN A 378 -1.59 -19.08 4.45
CA GLN A 378 -1.89 -17.81 3.76
C GLN A 378 -1.75 -17.87 2.23
N LYS A 379 -1.54 -19.07 1.68
CA LYS A 379 -1.44 -19.24 0.24
C LYS A 379 -2.81 -19.04 -0.42
N CYS A 380 -2.87 -18.07 -1.34
CA CYS A 380 -4.12 -17.69 -1.99
C CYS A 380 -3.96 -17.59 -3.52
N PRO A 381 -4.36 -18.65 -4.24
CA PRO A 381 -4.36 -18.60 -5.71
C PRO A 381 -5.49 -17.71 -6.25
N LEU A 382 -5.18 -16.94 -7.28
CA LEU A 382 -6.18 -16.08 -7.92
C LEU A 382 -6.73 -16.70 -9.19
N TYR A 383 -7.94 -16.30 -9.56
CA TYR A 383 -8.60 -16.80 -10.76
C TYR A 383 -9.34 -15.67 -11.44
N GLU A 384 -8.99 -15.39 -12.70
CA GLU A 384 -9.58 -14.30 -13.47
C GLU A 384 -11.06 -14.54 -13.79
N ALA A 385 -11.70 -13.54 -14.39
CA ALA A 385 -13.12 -13.57 -14.72
C ALA A 385 -13.52 -14.84 -15.50
N ASN A 386 -12.70 -15.22 -16.47
CA ASN A 386 -12.92 -16.43 -17.28
C ASN A 386 -12.94 -17.73 -16.45
N GLY A 387 -12.28 -17.69 -15.30
CA GLY A 387 -12.25 -18.82 -14.38
C GLY A 387 -10.99 -19.65 -14.50
N GLN A 388 -9.90 -19.00 -14.92
CA GLN A 388 -8.62 -19.69 -15.06
C GLN A 388 -7.53 -19.00 -14.26
N ALA A 389 -6.67 -19.81 -13.64
CA ALA A 389 -5.61 -19.34 -12.74
C ALA A 389 -4.78 -18.22 -13.33
N VAL A 390 -4.45 -17.24 -12.49
CA VAL A 390 -3.50 -16.20 -12.86
C VAL A 390 -2.11 -16.83 -12.83
N PRO A 391 -1.36 -16.72 -13.95
CA PRO A 391 -0.01 -17.28 -14.03
C PRO A 391 0.91 -16.71 -12.95
N LYS A 392 1.76 -17.57 -12.37
CA LYS A 392 2.69 -17.15 -11.32
C LYS A 392 3.61 -16.01 -11.75
N GLU A 393 3.70 -15.82 -13.07
CA GLU A 393 4.38 -14.68 -13.67
C GLU A 393 3.72 -13.36 -13.26
N LYS A 394 2.44 -13.24 -13.62
CA LYS A 394 1.62 -12.07 -13.31
C LYS A 394 1.39 -11.92 -11.82
N ASP A 395 0.89 -12.99 -11.21
CA ASP A 395 0.52 -13.03 -9.79
C ASP A 395 1.56 -12.38 -8.88
N GLU A 396 2.83 -12.51 -9.25
CA GLU A 396 3.92 -11.91 -8.46
C GLU A 396 4.26 -10.50 -8.90
N MET A 397 4.23 -10.26 -10.21
CA MET A 397 4.59 -8.95 -10.76
C MET A 397 3.53 -7.88 -10.48
N VAL A 398 2.29 -8.32 -10.26
CA VAL A 398 1.21 -7.42 -9.88
C VAL A 398 1.24 -7.14 -8.38
N GLU A 399 1.37 -8.20 -7.59
CA GLU A 399 1.45 -8.10 -6.13
C GLU A 399 2.60 -7.19 -5.70
N GLN A 400 3.78 -7.40 -6.28
CA GLN A 400 4.95 -6.57 -5.99
C GLN A 400 4.65 -5.11 -6.28
N GLU A 401 3.96 -4.86 -7.39
CA GLU A 401 3.58 -3.50 -7.77
C GLU A 401 2.59 -2.91 -6.76
N PHE A 402 1.63 -3.72 -6.33
CA PHE A 402 0.67 -3.33 -5.30
C PHE A 402 1.40 -2.85 -4.04
N ASN A 403 2.27 -3.70 -3.49
CA ASN A 403 3.05 -3.37 -2.29
C ASN A 403 3.88 -2.11 -2.48
N ARG A 404 4.39 -1.94 -3.70
CA ARG A 404 5.19 -0.77 -4.07
C ARG A 404 4.33 0.48 -4.12
N LEU A 405 3.07 0.30 -4.52
CA LEU A 405 2.11 1.40 -4.60
C LEU A 405 1.68 1.90 -3.21
N LEU A 406 1.54 0.99 -2.25
CA LEU A 406 1.20 1.35 -0.88
C LEU A 406 2.30 2.16 -0.20
N GLU A 407 3.54 1.68 -0.28
CA GLU A 407 4.70 2.42 0.23
C GLU A 407 4.75 3.82 -0.36
N ALA A 408 4.32 3.93 -1.61
CA ALA A 408 4.29 5.21 -2.33
C ALA A 408 3.31 6.20 -1.71
N THR A 409 2.13 5.70 -1.31
CA THR A 409 1.13 6.53 -0.65
C THR A 409 1.65 6.99 0.70
N SER A 410 2.29 6.06 1.42
CA SER A 410 2.93 6.35 2.69
C SER A 410 3.96 7.46 2.53
N TYR A 411 4.74 7.39 1.45
CA TYR A 411 5.72 8.42 1.11
C TYR A 411 5.04 9.77 0.82
N LEU A 412 3.93 9.74 0.07
CA LEU A 412 3.15 10.94 -0.20
C LEU A 412 2.62 11.56 1.08
N SER A 413 2.23 10.71 2.02
CA SER A 413 1.61 11.14 3.27
C SER A 413 2.60 11.81 4.21
N HIS A 414 3.76 11.17 4.42
CA HIS A 414 4.71 11.61 5.43
C HIS A 414 5.77 12.54 4.91
N GLN A 415 6.35 12.20 3.75
CA GLN A 415 7.48 12.97 3.20
C GLN A 415 7.06 14.19 2.40
N LEU A 416 6.09 14.03 1.52
CA LEU A 416 5.60 15.15 0.71
C LEU A 416 4.45 15.90 1.39
N ASP A 417 3.97 15.36 2.50
CA ASP A 417 2.86 15.93 3.30
C ASP A 417 1.61 16.20 2.44
N PHE A 418 1.24 15.23 1.62
CA PHE A 418 0.07 15.33 0.76
C PHE A 418 -1.12 14.76 1.53
N ASN A 419 -1.72 15.59 2.39
CA ASN A 419 -2.78 15.11 3.27
C ASN A 419 -4.08 15.89 3.21
N VAL A 420 -4.03 17.13 2.72
CA VAL A 420 -5.23 17.92 2.49
C VAL A 420 -5.24 18.45 1.05
N LEU A 421 -6.32 18.19 0.34
CA LEU A 421 -6.48 18.64 -1.04
C LEU A 421 -7.83 19.31 -1.24
N ASN A 422 -7.80 20.61 -1.54
CA ASN A 422 -8.99 21.45 -1.70
C ASN A 422 -9.86 21.49 -0.44
N ASN A 423 -9.20 21.76 0.69
CA ASN A 423 -9.85 21.81 2.01
C ASN A 423 -10.37 20.47 2.56
N LYS A 424 -10.56 19.49 1.67
CA LYS A 424 -10.96 18.15 2.07
C LYS A 424 -9.73 17.30 2.41
N PRO A 425 -9.85 16.41 3.41
CA PRO A 425 -8.75 15.50 3.74
C PRO A 425 -8.57 14.42 2.67
N VAL A 426 -7.32 14.20 2.26
CA VAL A 426 -7.00 13.20 1.24
C VAL A 426 -7.24 11.79 1.76
N SER A 427 -7.94 10.98 0.96
CA SER A 427 -8.17 9.58 1.29
C SER A 427 -7.09 8.68 0.70
N LEU A 428 -7.04 7.44 1.17
CA LEU A 428 -6.12 6.45 0.63
C LEU A 428 -6.36 6.22 -0.87
N GLY A 429 -7.64 6.16 -1.24
CA GLY A 429 -8.06 6.02 -2.64
C GLY A 429 -7.50 7.10 -3.54
N GLN A 430 -7.79 8.36 -3.21
CA GLN A 430 -7.21 9.51 -3.90
C GLN A 430 -5.71 9.38 -4.09
N ALA A 431 -5.01 9.08 -3.00
CA ALA A 431 -3.56 8.93 -3.01
C ALA A 431 -3.10 7.83 -3.96
N LEU A 432 -3.78 6.69 -3.92
CA LEU A 432 -3.46 5.57 -4.82
C LEU A 432 -3.67 5.94 -6.28
N GLU A 433 -4.74 6.68 -6.55
CA GLU A 433 -5.03 7.18 -7.88
C GLU A 433 -3.91 8.10 -8.35
N VAL A 434 -3.59 9.10 -7.52
CA VAL A 434 -2.52 10.05 -7.82
C VAL A 434 -1.20 9.33 -8.14
N VAL A 435 -0.83 8.36 -7.30
CA VAL A 435 0.41 7.61 -7.49
C VAL A 435 0.40 6.83 -8.82
N ILE A 436 -0.69 6.11 -9.08
CA ILE A 436 -0.83 5.36 -10.33
C ILE A 436 -0.68 6.27 -11.54
N GLN A 437 -1.41 7.39 -11.52
CA GLN A 437 -1.35 8.39 -12.59
C GLN A 437 0.07 8.88 -12.85
N LEU A 438 0.81 9.18 -11.78
CA LEU A 438 2.20 9.58 -11.89
C LEU A 438 3.09 8.46 -12.46
N GLN A 439 2.68 7.22 -12.27
CA GLN A 439 3.41 6.09 -12.83
C GLN A 439 3.11 5.90 -14.30
N GLU A 440 1.85 6.15 -14.68
CA GLU A 440 1.46 6.16 -16.09
C GLU A 440 2.13 7.33 -16.82
N LYS A 441 2.30 8.44 -16.10
CA LYS A 441 2.98 9.62 -16.63
C LYS A 441 4.45 9.34 -16.92
N HIS A 442 5.12 8.66 -15.98
CA HIS A 442 6.52 8.30 -16.15
C HIS A 442 6.74 7.40 -17.33
N VAL A 443 5.83 6.43 -17.53
CA VAL A 443 5.89 5.52 -18.67
C VAL A 443 5.91 6.30 -20.00
N LYS A 444 5.05 7.32 -20.08
CA LYS A 444 4.96 8.19 -21.27
C LYS A 444 6.16 9.12 -21.38
N ASP A 445 6.58 9.71 -20.26
CA ASP A 445 7.78 10.55 -20.21
C ASP A 445 9.00 9.80 -20.75
N GLU A 446 9.11 8.52 -20.40
CA GLU A 446 10.20 7.65 -20.83
C GLU A 446 10.16 7.40 -22.33
N GLN A 447 8.99 7.06 -22.84
CA GLN A 447 8.80 6.83 -24.27
C GLN A 447 9.10 8.08 -25.08
N ILE A 448 8.57 9.21 -24.64
CA ILE A 448 8.82 10.50 -25.29
C ILE A 448 10.31 10.78 -25.43
N GLU A 449 11.06 10.65 -24.34
CA GLU A 449 12.50 10.93 -24.37
C GLU A 449 13.33 9.83 -25.06
N HIS A 450 12.70 8.69 -25.34
CA HIS A 450 13.35 7.61 -26.08
C HIS A 450 13.26 7.79 -27.56
N TRP A 451 12.06 8.09 -28.05
CA TRP A 451 11.85 8.42 -29.46
C TRP A 451 12.50 9.74 -29.80
N LYS A 452 12.53 10.64 -28.81
CA LYS A 452 13.23 11.93 -28.92
C LYS A 452 14.73 11.71 -29.12
N LYS A 453 15.25 10.61 -28.57
CA LYS A 453 16.62 10.16 -28.84
C LYS A 453 16.77 9.69 -30.28
N ILE A 454 15.76 9.01 -30.79
CA ILE A 454 15.79 8.48 -32.15
C ILE A 454 15.79 9.59 -33.20
N VAL A 455 14.86 10.54 -33.11
CA VAL A 455 14.80 11.66 -34.05
C VAL A 455 16.10 12.46 -34.13
N LYS A 456 16.82 12.58 -33.02
CA LYS A 456 18.07 13.32 -33.00
C LYS A 456 19.18 12.56 -33.73
N THR A 457 19.15 11.23 -33.64
CA THR A 457 20.10 10.37 -34.36
C THR A 457 19.74 10.33 -35.84
N GLN A 458 18.45 10.19 -36.13
CA GLN A 458 17.93 10.19 -37.50
C GLN A 458 18.23 11.51 -38.19
N GLU A 459 18.21 12.61 -37.42
CA GLU A 459 18.49 13.93 -37.95
C GLU A 459 19.99 14.19 -38.12
N GLU A 460 20.80 13.47 -37.35
CA GLU A 460 22.24 13.48 -37.54
C GLU A 460 22.61 12.70 -38.80
N LEU A 461 21.86 11.63 -39.07
CA LEU A 461 22.05 10.83 -40.26
C LEU A 461 21.63 11.62 -41.51
N LYS A 462 20.53 12.37 -41.37
CA LYS A 462 20.02 13.22 -42.46
C LYS A 462 21.08 14.24 -42.93
N GLU A 463 21.70 14.93 -41.98
CA GLU A 463 22.76 15.89 -42.28
C GLU A 463 23.99 15.22 -42.91
N LEU A 464 24.27 13.99 -42.48
CA LEU A 464 25.41 13.23 -42.99
C LEU A 464 25.15 12.73 -44.41
N LEU A 465 23.92 12.33 -44.70
CA LEU A 465 23.54 11.88 -46.03
C LEU A 465 23.54 13.04 -47.04
N ASN A 466 23.02 14.19 -46.61
CA ASN A 466 23.03 15.40 -47.42
C ASN A 466 24.45 15.83 -47.77
N LYS A 467 25.36 15.69 -46.81
CA LYS A 467 26.77 15.99 -47.02
C LYS A 467 27.38 14.99 -48.00
N MET A 468 26.96 13.73 -47.90
CA MET A 468 27.47 12.67 -48.74
C MET A 468 27.02 12.76 -50.20
N VAL A 469 25.75 13.11 -50.40
CA VAL A 469 25.20 13.31 -51.75
C VAL A 469 25.91 14.48 -52.44
N ASN A 470 26.09 15.58 -51.72
CA ASN A 470 26.80 16.75 -52.23
C ASN A 470 28.27 16.48 -52.53
N LEU A 471 28.84 15.48 -51.86
CA LEU A 471 30.23 15.11 -52.07
C LEU A 471 30.38 14.19 -53.27
N LYS A 472 29.50 13.20 -53.38
CA LYS A 472 29.47 12.33 -54.56
C LYS A 472 29.19 13.17 -55.82
N GLU A 473 28.32 14.18 -55.68
CA GLU A 473 28.07 15.16 -56.73
C GLU A 473 29.38 15.77 -57.26
N LYS A 474 30.23 16.22 -56.35
CA LYS A 474 31.51 16.82 -56.72
C LYS A 474 32.53 15.79 -57.19
N ILE A 475 32.54 14.63 -56.54
CA ILE A 475 33.41 13.51 -56.94
C ILE A 475 33.10 13.07 -58.38
N LYS A 476 31.81 12.99 -58.69
CA LYS A 476 31.33 12.65 -60.03
C LYS A 476 31.85 13.64 -61.09
N GLU A 477 31.72 14.92 -60.79
CA GLU A 477 32.15 16.00 -61.69
C GLU A 477 33.68 16.11 -61.80
N LEU A 478 34.35 15.92 -60.67
CA LEU A 478 35.81 16.02 -60.60
C LEU A 478 36.49 14.86 -61.32
N HIS A 479 35.79 13.74 -61.42
CA HIS A 479 36.26 12.58 -62.17
C HIS A 479 36.24 12.87 -63.64
N GLN A 480 35.13 13.45 -64.10
CA GLN A 480 34.96 13.85 -65.49
C GLN A 480 36.06 14.80 -65.94
N GLN A 481 36.41 15.75 -65.07
CA GLN A 481 37.46 16.73 -65.35
C GLN A 481 38.84 16.10 -65.48
N TYR A 482 39.13 15.12 -64.63
CA TYR A 482 40.37 14.35 -64.70
C TYR A 482 40.41 13.53 -65.98
N LYS A 483 39.26 12.97 -66.34
CA LYS A 483 39.13 12.18 -67.57
C LYS A 483 39.44 13.04 -68.80
N GLU A 484 38.82 14.22 -68.87
CA GLU A 484 39.04 15.20 -69.94
C GLU A 484 40.48 15.72 -69.97
N ALA A 485 41.08 15.84 -68.79
CA ALA A 485 42.47 16.27 -68.69
C ALA A 485 43.43 15.19 -69.14
N SER A 486 42.99 13.94 -69.07
CA SER A 486 43.79 12.80 -69.51
C SER A 486 43.68 12.53 -71.02
N GLU A 487 42.76 13.23 -71.68
CA GLU A 487 42.61 13.18 -73.14
C GLU A 487 43.84 13.80 -73.82
N VAL A 488 44.41 14.84 -73.20
CA VAL A 488 45.65 15.43 -73.68
C VAL A 488 46.76 14.40 -73.51
N LYS A 489 47.05 13.68 -74.60
CA LYS A 489 48.06 12.62 -74.59
C LYS A 489 49.47 13.22 -74.54
N PRO A 490 50.40 12.53 -73.87
CA PRO A 490 51.81 12.94 -73.88
C PRO A 490 52.40 12.93 -75.30
N PRO A 491 53.42 13.75 -75.56
CA PRO A 491 54.08 14.64 -74.60
C PRO A 491 53.30 15.94 -74.40
N ARG A 492 53.24 16.41 -73.16
CA ARG A 492 52.48 17.61 -72.83
C ARG A 492 53.29 18.59 -72.01
N ASP A 493 52.99 19.88 -72.15
CA ASP A 493 53.64 20.91 -71.36
C ASP A 493 53.29 20.72 -69.89
N ILE A 494 54.01 21.41 -69.02
CA ILE A 494 53.93 21.15 -67.59
C ILE A 494 52.62 21.56 -66.93
N THR A 495 51.95 22.58 -67.46
CA THR A 495 50.66 23.01 -66.91
C THR A 495 49.58 21.96 -67.18
N ALA A 496 49.63 21.36 -68.36
CA ALA A 496 48.73 20.28 -68.74
C ALA A 496 49.00 19.02 -67.91
N GLU A 497 50.28 18.79 -67.59
CA GLU A 497 50.69 17.69 -66.73
C GLU A 497 50.24 17.94 -65.29
N PHE A 498 50.39 19.19 -64.86
CA PHE A 498 49.96 19.62 -63.53
C PHE A 498 48.46 19.39 -63.34
N LEU A 499 47.68 19.75 -64.35
CA LEU A 499 46.22 19.60 -64.30
C LEU A 499 45.83 18.16 -64.04
N VAL A 500 46.48 17.22 -64.72
CA VAL A 500 46.24 15.79 -64.52
C VAL A 500 46.58 15.40 -63.08
N LYS A 501 47.78 15.77 -62.65
CA LYS A 501 48.26 15.46 -61.30
C LYS A 501 47.39 16.10 -60.21
N SER A 502 47.09 17.38 -60.39
CA SER A 502 46.26 18.14 -59.47
C SER A 502 44.89 17.49 -59.29
N LYS A 503 44.14 17.35 -60.38
CA LYS A 503 42.80 16.76 -60.33
C LYS A 503 42.84 15.35 -59.73
N HIS A 504 43.97 14.66 -59.88
CA HIS A 504 44.12 13.33 -59.30
C HIS A 504 44.16 13.40 -57.80
N ARG A 505 44.97 14.31 -57.27
CA ARG A 505 45.06 14.54 -55.84
C ARG A 505 43.68 14.91 -55.27
N ASP A 506 43.05 15.92 -55.87
CA ASP A 506 41.75 16.43 -55.44
C ASP A 506 40.68 15.35 -55.42
N LEU A 507 40.81 14.35 -56.29
CA LEU A 507 39.83 13.27 -56.34
C LEU A 507 40.03 12.29 -55.20
N THR A 508 41.28 11.86 -54.98
CA THR A 508 41.57 10.94 -53.87
C THR A 508 41.42 11.63 -52.52
N ALA A 509 41.55 12.96 -52.50
CA ALA A 509 41.31 13.75 -51.29
C ALA A 509 39.83 13.78 -50.90
N LEU A 510 38.96 13.94 -51.90
CA LEU A 510 37.51 13.92 -51.67
C LEU A 510 37.00 12.50 -51.45
N CYS A 511 37.66 11.52 -52.07
CA CYS A 511 37.34 10.12 -51.85
C CYS A 511 37.71 9.68 -50.43
N LYS A 512 38.78 10.28 -49.90
CA LYS A 512 39.16 10.08 -48.50
C LYS A 512 38.03 10.53 -47.58
N GLU A 513 37.48 11.72 -47.85
CA GLU A 513 36.37 12.28 -47.06
C GLU A 513 35.13 11.40 -47.09
N TYR A 514 34.73 10.98 -48.28
CA TYR A 514 33.51 10.18 -48.47
C TYR A 514 33.58 8.84 -47.71
N ASP A 515 34.76 8.23 -47.67
CA ASP A 515 34.95 6.97 -46.96
C ASP A 515 34.78 7.14 -45.44
N GLU A 516 35.28 8.26 -44.93
CA GLU A 516 35.14 8.59 -43.51
C GLU A 516 33.71 8.97 -43.15
N LEU A 517 33.00 9.58 -44.11
CA LEU A 517 31.59 9.90 -43.95
C LEU A 517 30.71 8.65 -44.09
N ALA A 518 31.18 7.67 -44.85
CA ALA A 518 30.49 6.38 -44.97
C ALA A 518 30.82 5.48 -43.77
N GLU A 519 31.94 5.78 -43.11
CA GLU A 519 32.31 5.15 -41.85
C GLU A 519 31.32 5.58 -40.76
N THR A 520 31.16 6.90 -40.61
CA THR A 520 30.21 7.49 -39.66
C THR A 520 28.78 7.02 -39.92
N GLN A 521 28.42 6.90 -41.20
CA GLN A 521 27.09 6.44 -41.59
C GLN A 521 26.78 5.06 -41.00
N GLY A 522 27.77 4.16 -41.03
CA GLY A 522 27.63 2.82 -40.48
C GLY A 522 27.49 2.79 -38.97
N LYS A 523 28.14 3.75 -38.30
CA LYS A 523 28.09 3.86 -36.85
C LYS A 523 26.77 4.43 -36.37
N LEU A 524 26.25 5.44 -37.08
CA LEU A 524 24.96 6.04 -36.76
C LEU A 524 23.79 5.14 -37.15
N GLU A 525 24.01 4.28 -38.13
CA GLU A 525 22.96 3.40 -38.64
C GLU A 525 22.73 2.21 -37.72
N GLU A 526 23.78 1.76 -37.04
CA GLU A 526 23.66 0.66 -36.08
C GLU A 526 23.20 1.17 -34.73
N LYS A 527 23.49 2.43 -34.44
CA LYS A 527 23.01 3.10 -33.25
C LYS A 527 21.49 3.27 -33.29
N LEU A 528 20.94 3.35 -34.50
CA LEU A 528 19.49 3.39 -34.70
C LEU A 528 18.83 2.02 -34.57
N GLN A 529 19.58 0.97 -34.88
CA GLN A 529 19.09 -0.40 -34.68
C GLN A 529 19.21 -0.81 -33.21
N GLU A 530 20.13 -0.16 -32.50
CA GLU A 530 20.28 -0.33 -31.06
C GLU A 530 19.00 0.15 -30.34
N LEU A 531 18.61 1.39 -30.60
CA LEU A 531 17.48 2.01 -29.92
C LEU A 531 16.14 1.39 -30.30
N GLU A 532 15.99 1.04 -31.59
CA GLU A 532 14.77 0.40 -32.07
C GLU A 532 14.66 -1.07 -31.65
N ALA A 533 15.76 -1.63 -31.15
CA ALA A 533 15.77 -3.02 -30.66
C ALA A 533 15.10 -3.13 -29.30
N ASN A 534 15.60 -2.35 -28.34
CA ASN A 534 15.03 -2.34 -26.99
C ASN A 534 14.43 -0.97 -26.61
N PRO A 535 13.10 -0.85 -26.72
CA PRO A 535 12.38 0.35 -26.30
C PRO A 535 12.00 0.29 -24.81
N PRO A 536 11.56 1.41 -24.22
CA PRO A 536 11.03 1.37 -22.86
C PRO A 536 9.65 0.70 -22.82
N SER A 537 9.14 0.46 -21.61
CA SER A 537 7.86 -0.22 -21.42
C SER A 537 6.72 0.43 -22.19
N ASP A 538 5.90 -0.41 -22.82
CA ASP A 538 4.77 0.04 -23.64
C ASP A 538 3.69 0.75 -22.83
N VAL A 539 3.22 0.07 -21.78
CA VAL A 539 2.19 0.60 -20.86
C VAL A 539 2.60 0.35 -19.41
N TYR A 540 1.97 1.09 -18.49
CA TYR A 540 2.19 0.87 -17.07
C TYR A 540 1.54 -0.43 -16.60
N LEU A 541 0.24 -0.56 -16.84
CA LEU A 541 -0.50 -1.79 -16.54
C LEU A 541 -1.54 -2.04 -17.62
N SER A 542 -1.67 -3.30 -18.03
CA SER A 542 -2.69 -3.69 -19.00
C SER A 542 -4.05 -3.84 -18.33
N SER A 543 -5.09 -4.01 -19.14
CA SER A 543 -6.45 -4.25 -18.63
C SER A 543 -6.54 -5.54 -17.83
N ARG A 544 -5.61 -6.45 -18.08
CA ARG A 544 -5.51 -7.70 -17.34
C ARG A 544 -4.76 -7.46 -16.04
N ASP A 545 -3.73 -6.62 -16.10
CA ASP A 545 -2.92 -6.26 -14.93
C ASP A 545 -3.74 -5.43 -13.94
N ARG A 546 -4.38 -4.37 -14.45
CA ARG A 546 -5.18 -3.46 -13.66
C ARG A 546 -6.34 -4.16 -12.93
N GLN A 547 -6.83 -5.26 -13.50
CA GLN A 547 -7.88 -6.07 -12.89
C GLN A 547 -7.37 -6.89 -11.70
N ILE A 548 -6.18 -7.48 -11.85
CA ILE A 548 -5.57 -8.25 -10.77
C ILE A 548 -5.16 -7.34 -9.61
N LEU A 549 -4.70 -6.13 -9.94
CA LEU A 549 -4.39 -5.09 -8.96
C LEU A 549 -5.64 -4.67 -8.17
N ASP A 550 -6.79 -4.70 -8.84
CA ASP A 550 -8.05 -4.35 -8.21
C ASP A 550 -8.49 -5.39 -7.17
N TRP A 551 -8.04 -6.62 -7.33
CA TRP A 551 -8.27 -7.65 -6.32
C TRP A 551 -7.49 -7.31 -5.08
N HIS A 552 -6.26 -6.87 -5.27
CA HIS A 552 -5.40 -6.48 -4.16
C HIS A 552 -5.95 -5.30 -3.41
N PHE A 553 -6.60 -4.38 -4.13
CA PHE A 553 -7.31 -3.28 -3.51
C PHE A 553 -8.56 -3.74 -2.77
N ALA A 554 -9.25 -4.72 -3.36
CA ALA A 554 -10.45 -5.29 -2.74
C ALA A 554 -10.11 -5.93 -1.40
N ASN A 555 -8.97 -6.61 -1.36
CA ASN A 555 -8.45 -7.18 -0.12
C ASN A 555 -8.39 -6.13 0.99
N LEU A 556 -7.73 -5.01 0.70
CA LEU A 556 -7.69 -3.85 1.60
C LEU A 556 -9.07 -3.32 1.97
N GLU A 557 -9.99 -3.33 1.01
CA GLU A 557 -11.37 -2.88 1.24
C GLU A 557 -12.14 -3.84 2.12
N PHE A 558 -11.75 -5.12 2.07
CA PHE A 558 -12.27 -6.12 2.99
C PHE A 558 -11.69 -5.92 4.39
N ALA A 559 -10.39 -5.71 4.46
CA ALA A 559 -9.68 -5.51 5.72
C ALA A 559 -10.24 -4.34 6.53
N ASN A 560 -10.55 -3.24 5.85
CA ASN A 560 -11.06 -2.04 6.50
C ASN A 560 -12.57 -1.93 6.37
N ALA A 561 -13.19 -2.96 5.80
CA ALA A 561 -14.63 -2.98 5.52
C ALA A 561 -15.16 -1.65 4.94
N THR A 562 -14.48 -1.14 3.91
CA THR A 562 -14.85 0.15 3.31
C THR A 562 -14.10 0.43 2.01
N PRO A 563 -14.76 1.14 1.06
CA PRO A 563 -14.09 1.71 -0.11
C PRO A 563 -12.88 2.55 0.28
N LEU A 564 -11.74 2.29 -0.36
CA LEU A 564 -10.49 2.98 -0.05
C LEU A 564 -10.59 4.51 -0.18
N SER A 565 -11.69 4.97 -0.77
CA SER A 565 -11.96 6.39 -0.96
C SER A 565 -12.47 7.05 0.31
N THR A 566 -12.68 6.26 1.36
CA THR A 566 -13.18 6.76 2.63
C THR A 566 -12.12 6.74 3.74
N LEU A 567 -11.15 5.83 3.62
CA LEU A 567 -10.05 5.68 4.59
C LEU A 567 -9.16 6.90 4.67
N SER A 568 -8.67 7.20 5.87
CA SER A 568 -7.72 8.30 6.07
C SER A 568 -6.38 7.91 5.49
N LEU A 569 -5.78 8.80 4.71
CA LEU A 569 -4.46 8.55 4.13
C LEU A 569 -3.42 8.39 5.23
N LYS A 570 -3.39 9.35 6.15
CA LYS A 570 -2.38 9.35 7.19
C LYS A 570 -2.58 8.25 8.23
N HIS A 571 -3.84 7.95 8.56
CA HIS A 571 -4.15 7.16 9.75
C HIS A 571 -4.80 5.81 9.54
N TRP A 572 -5.16 5.47 8.31
CA TRP A 572 -5.89 4.23 8.07
C TRP A 572 -5.29 3.02 8.72
N ASP A 573 -3.97 3.03 8.89
CA ASP A 573 -3.24 1.89 9.42
C ASP A 573 -2.49 2.21 10.73
N GLN A 574 -2.88 3.28 11.41
CA GLN A 574 -2.22 3.73 12.65
C GLN A 574 -2.08 2.64 13.73
N ASP A 575 -2.97 1.66 13.69
CA ASP A 575 -2.93 0.56 14.64
C ASP A 575 -1.99 -0.57 14.22
N ASP A 576 -1.12 -0.30 13.24
CA ASP A 576 -0.20 -1.32 12.72
C ASP A 576 0.84 -1.76 13.74
N ASP A 577 1.36 -0.79 14.50
CA ASP A 577 2.42 -1.05 15.47
C ASP A 577 2.03 -2.05 16.56
N PHE A 578 0.73 -2.15 16.81
CA PHE A 578 0.24 -2.96 17.92
C PHE A 578 -0.33 -4.29 17.47
N GLU A 579 -0.02 -4.67 16.24
CA GLU A 579 -0.47 -5.93 15.66
C GLU A 579 0.18 -7.11 16.39
N PHE A 580 -0.56 -8.20 16.53
CA PHE A 580 -0.02 -9.39 17.21
C PHE A 580 0.93 -10.19 16.33
N THR A 581 1.69 -11.10 16.94
CA THR A 581 2.60 -11.98 16.21
C THR A 581 2.03 -13.39 16.15
N GLY A 582 2.54 -14.20 15.22
CA GLY A 582 2.09 -15.58 15.06
C GLY A 582 1.09 -15.75 13.94
N SER A 583 0.76 -17.01 13.64
CA SER A 583 -0.18 -17.33 12.57
C SER A 583 -1.58 -16.89 12.94
N HIS A 584 -2.36 -16.53 11.93
CA HIS A 584 -3.79 -16.27 12.12
C HIS A 584 -4.53 -17.57 12.20
N LEU A 585 -5.55 -17.61 13.06
CA LEU A 585 -6.29 -18.85 13.29
C LEU A 585 -7.79 -18.67 13.12
N THR A 586 -8.50 -19.78 12.97
CA THR A 586 -9.95 -19.74 12.91
C THR A 586 -10.55 -20.58 14.02
N VAL A 587 -11.69 -20.12 14.54
CA VAL A 587 -12.43 -20.87 15.54
C VAL A 587 -13.27 -21.90 14.80
N ARG A 588 -12.73 -23.11 14.71
CA ARG A 588 -13.29 -24.17 13.87
C ARG A 588 -14.66 -24.65 14.35
N ASN A 589 -14.91 -24.53 15.66
CA ASN A 589 -16.21 -24.87 16.23
C ASN A 589 -17.14 -23.66 16.40
N GLY A 590 -16.77 -22.55 15.73
CA GLY A 590 -17.59 -21.34 15.74
C GLY A 590 -17.22 -20.41 16.89
N TYR A 591 -17.01 -19.13 16.56
CA TYR A 591 -16.55 -18.12 17.51
C TYR A 591 -17.54 -17.89 18.67
N SER A 592 -18.82 -18.15 18.42
CA SER A 592 -19.89 -17.91 19.41
C SER A 592 -19.63 -18.63 20.73
N CYS A 593 -18.88 -19.73 20.68
CA CYS A 593 -18.50 -20.48 21.87
C CYS A 593 -17.89 -19.57 22.95
N VAL A 594 -17.34 -18.43 22.53
CA VAL A 594 -16.70 -17.47 23.44
C VAL A 594 -17.71 -16.57 24.18
N PRO A 595 -18.49 -15.74 23.44
CA PRO A 595 -19.49 -14.94 24.13
C PRO A 595 -20.47 -15.76 24.95
N VAL A 596 -20.86 -16.94 24.45
CA VAL A 596 -21.74 -17.83 25.19
C VAL A 596 -21.10 -18.26 26.51
N ALA A 597 -19.81 -18.60 26.46
CA ALA A 597 -19.07 -18.99 27.65
C ALA A 597 -18.95 -17.83 28.63
N LEU A 598 -18.71 -16.62 28.12
CA LEU A 598 -18.60 -15.42 28.95
C LEU A 598 -19.93 -15.07 29.60
N ALA A 599 -21.02 -15.36 28.89
CA ALA A 599 -22.37 -15.10 29.37
C ALA A 599 -22.79 -15.93 30.58
N GLU A 600 -22.06 -17.02 30.84
CA GLU A 600 -22.42 -17.94 31.91
C GLU A 600 -22.33 -17.27 33.28
N GLY A 601 -23.48 -17.15 33.93
CA GLY A 601 -23.57 -16.62 35.29
C GLY A 601 -23.83 -15.12 35.39
N LEU A 602 -24.40 -14.53 34.34
CA LEU A 602 -24.67 -13.10 34.31
C LEU A 602 -26.15 -12.82 34.07
N ASP A 603 -26.65 -11.76 34.70
CA ASP A 603 -28.05 -11.36 34.52
C ASP A 603 -28.22 -10.63 33.19
N ILE A 604 -28.63 -11.37 32.17
CA ILE A 604 -28.78 -10.81 30.83
C ILE A 604 -30.25 -10.82 30.42
N LYS A 605 -30.78 -9.63 30.11
CA LYS A 605 -32.14 -9.52 29.62
C LYS A 605 -32.13 -9.50 28.10
N LEU A 606 -32.49 -10.63 27.49
CA LEU A 606 -32.57 -10.71 26.03
C LEU A 606 -33.87 -10.09 25.53
N ASN A 607 -33.92 -9.75 24.24
CA ASN A 607 -35.10 -9.13 23.62
C ASN A 607 -35.52 -7.83 24.30
N THR A 608 -34.52 -7.03 24.68
CA THR A 608 -34.73 -5.80 25.42
C THR A 608 -34.00 -4.65 24.70
N ALA A 609 -34.77 -3.85 23.97
CA ALA A 609 -34.19 -2.76 23.18
C ALA A 609 -34.17 -1.45 23.95
N VAL A 610 -32.98 -0.98 24.31
CA VAL A 610 -32.83 0.30 24.99
C VAL A 610 -33.27 1.44 24.07
N ARG A 611 -34.17 2.27 24.58
CA ARG A 611 -34.74 3.37 23.80
C ARG A 611 -34.21 4.71 24.27
N GLN A 612 -33.94 4.81 25.56
CA GLN A 612 -33.53 6.07 26.17
C GLN A 612 -32.60 5.85 27.37
N VAL A 613 -31.53 6.64 27.41
CA VAL A 613 -30.61 6.64 28.55
C VAL A 613 -30.67 8.00 29.24
N ARG A 614 -31.13 7.99 30.48
CA ARG A 614 -31.20 9.18 31.31
C ARG A 614 -30.15 9.10 32.40
N TYR A 615 -29.29 10.11 32.45
CA TYR A 615 -28.22 10.18 33.45
C TYR A 615 -28.25 11.57 34.11
N THR A 616 -28.26 11.56 35.45
CA THR A 616 -28.26 12.79 36.24
C THR A 616 -27.29 12.65 37.40
N ALA A 617 -27.04 13.78 38.09
CA ALA A 617 -26.10 13.82 39.21
C ALA A 617 -26.35 12.72 40.26
N SER A 618 -27.61 12.43 40.52
CA SER A 618 -27.99 11.47 41.56
C SER A 618 -28.01 10.02 41.07
N GLY A 619 -28.00 9.83 39.76
CA GLY A 619 -28.01 8.49 39.19
C GLY A 619 -28.57 8.40 37.78
N CYS A 620 -28.83 7.17 37.35
CA CYS A 620 -29.28 6.90 35.99
C CYS A 620 -30.53 6.05 35.94
N GLU A 621 -31.37 6.32 34.94
CA GLU A 621 -32.44 5.41 34.57
C GLU A 621 -32.42 5.10 33.08
N VAL A 622 -32.55 3.81 32.75
CA VAL A 622 -32.52 3.34 31.38
C VAL A 622 -33.87 2.76 31.01
N ILE A 623 -34.45 3.28 29.93
CA ILE A 623 -35.76 2.87 29.47
C ILE A 623 -35.65 1.97 28.23
N ALA A 624 -36.12 0.74 28.37
CA ALA A 624 -36.08 -0.23 27.29
C ALA A 624 -37.47 -0.81 27.03
N VAL A 625 -37.65 -1.37 25.84
CA VAL A 625 -38.91 -2.03 25.47
C VAL A 625 -38.65 -3.49 25.10
N ASN A 626 -39.71 -4.28 25.05
CA ASN A 626 -39.63 -5.66 24.58
C ASN A 626 -39.69 -5.71 23.05
N THR A 627 -38.65 -6.26 22.43
CA THR A 627 -38.55 -6.28 20.96
C THR A 627 -39.73 -7.00 20.30
N ARG A 628 -40.26 -8.01 20.98
CA ARG A 628 -41.38 -8.79 20.48
C ARG A 628 -42.71 -8.01 20.52
N SER A 629 -43.08 -7.46 21.68
CA SER A 629 -44.22 -6.54 21.78
C SER A 629 -43.74 -5.18 22.30
N THR A 630 -43.61 -4.23 21.40
CA THR A 630 -42.87 -2.98 21.69
C THR A 630 -43.55 -2.00 22.65
N SER A 631 -44.84 -2.21 22.91
CA SER A 631 -45.59 -1.34 23.82
C SER A 631 -45.30 -1.64 25.29
N GLN A 632 -44.76 -2.83 25.56
CA GLN A 632 -44.35 -3.23 26.91
C GLN A 632 -43.04 -2.54 27.29
N THR A 633 -43.06 -1.77 28.39
CA THR A 633 -41.95 -0.89 28.76
C THR A 633 -41.24 -1.30 30.06
N PHE A 634 -39.91 -1.14 30.07
CA PHE A 634 -39.08 -1.43 31.24
C PHE A 634 -38.30 -0.19 31.66
N ILE A 635 -38.13 -0.03 32.97
CA ILE A 635 -37.32 1.06 33.54
C ILE A 635 -36.25 0.45 34.44
N TYR A 636 -35.00 0.84 34.22
CA TYR A 636 -33.89 0.35 35.01
C TYR A 636 -33.15 1.50 35.70
N LYS A 637 -33.11 1.45 37.02
CA LYS A 637 -32.43 2.45 37.84
C LYS A 637 -31.05 1.93 38.24
N CYS A 638 -30.04 2.77 38.10
CA CYS A 638 -28.65 2.36 38.37
C CYS A 638 -27.73 3.53 38.68
N ASP A 639 -26.60 3.20 39.31
CA ASP A 639 -25.54 4.18 39.61
C ASP A 639 -24.81 4.63 38.35
N ALA A 640 -24.51 3.66 37.47
CA ALA A 640 -23.75 3.91 36.25
C ALA A 640 -24.28 3.11 35.07
N VAL A 641 -24.14 3.69 33.87
CA VAL A 641 -24.50 3.02 32.62
C VAL A 641 -23.25 2.81 31.76
N LEU A 642 -23.03 1.57 31.33
CA LEU A 642 -21.98 1.26 30.37
C LEU A 642 -22.58 0.97 29.01
N CYS A 643 -22.32 1.88 28.07
CA CYS A 643 -22.88 1.83 26.73
C CYS A 643 -21.91 1.14 25.76
N THR A 644 -22.32 -0.02 25.24
CA THR A 644 -21.51 -0.72 24.24
C THR A 644 -22.22 -0.77 22.87
N LEU A 645 -23.16 0.15 22.68
CA LEU A 645 -23.83 0.34 21.40
C LEU A 645 -22.81 0.52 20.28
N PRO A 646 -22.92 -0.32 19.22
CA PRO A 646 -22.10 -0.19 18.02
C PRO A 646 -22.10 1.23 17.48
N LEU A 647 -20.99 1.63 16.88
CA LEU A 647 -20.85 2.98 16.33
C LEU A 647 -21.94 3.29 15.32
N GLY A 648 -22.30 2.29 14.52
CA GLY A 648 -23.38 2.41 13.55
C GLY A 648 -24.71 2.74 14.21
N VAL A 649 -24.97 2.10 15.34
CA VAL A 649 -26.18 2.36 16.12
C VAL A 649 -26.14 3.79 16.67
N LEU A 650 -24.98 4.18 17.20
CA LEU A 650 -24.78 5.52 17.72
C LEU A 650 -24.90 6.59 16.63
N LYS A 651 -24.69 6.17 15.38
CA LYS A 651 -24.74 7.07 14.23
C LYS A 651 -26.15 7.31 13.70
N GLN A 652 -27.08 6.42 14.04
CA GLN A 652 -28.43 6.41 13.46
C GLN A 652 -29.10 7.78 13.40
N GLN A 653 -29.75 8.04 12.27
CA GLN A 653 -30.50 9.27 12.07
C GLN A 653 -31.86 8.96 11.44
N PRO A 654 -32.96 9.16 12.19
CA PRO A 654 -33.01 9.64 13.57
C PRO A 654 -32.51 8.60 14.59
N PRO A 655 -32.11 9.06 15.80
CA PRO A 655 -31.52 8.19 16.83
C PRO A 655 -32.39 6.98 17.17
N ALA A 656 -31.74 5.83 17.35
CA ALA A 656 -32.42 4.64 17.85
C ALA A 656 -32.48 4.70 19.37
N VAL A 657 -31.44 5.31 19.96
CA VAL A 657 -31.36 5.51 21.40
C VAL A 657 -31.23 7.00 21.69
N GLN A 658 -32.04 7.47 22.63
CA GLN A 658 -32.06 8.87 23.02
C GLN A 658 -31.26 9.07 24.31
N PHE A 659 -30.39 10.08 24.31
CA PHE A 659 -29.65 10.43 25.52
C PHE A 659 -30.20 11.68 26.19
N VAL A 660 -30.44 11.56 27.49
CA VAL A 660 -31.00 12.64 28.29
C VAL A 660 -30.09 12.93 29.50
N PRO A 661 -29.38 14.08 29.48
CA PRO A 661 -29.39 15.12 28.45
C PRO A 661 -28.59 14.69 27.20
N PRO A 662 -28.70 15.46 26.09
CA PRO A 662 -27.99 15.08 24.88
C PRO A 662 -26.48 14.95 25.13
N LEU A 663 -25.84 14.03 24.42
CA LEU A 663 -24.39 13.86 24.49
C LEU A 663 -23.69 15.16 24.07
N PRO A 664 -22.58 15.50 24.74
CA PRO A 664 -21.88 16.76 24.44
C PRO A 664 -21.37 16.83 23.02
N GLU A 665 -21.20 18.06 22.54
CA GLU A 665 -20.70 18.36 21.20
C GLU A 665 -19.49 17.50 20.82
N TRP A 666 -18.50 17.46 21.71
CA TRP A 666 -17.24 16.75 21.43
C TRP A 666 -17.42 15.27 21.23
N LYS A 667 -18.43 14.69 21.89
CA LYS A 667 -18.70 13.28 21.75
C LYS A 667 -19.41 12.96 20.42
N THR A 668 -20.42 13.76 20.09
CA THR A 668 -21.22 13.54 18.87
C THR A 668 -20.44 13.85 17.61
N SER A 669 -19.51 14.80 17.71
CA SER A 669 -18.60 15.14 16.61
C SER A 669 -17.68 13.97 16.28
N ALA A 670 -17.22 13.27 17.33
CA ALA A 670 -16.42 12.08 17.17
C ALA A 670 -17.22 10.98 16.50
N VAL A 671 -18.51 10.91 16.83
CA VAL A 671 -19.39 9.89 16.26
C VAL A 671 -19.61 10.11 14.76
N GLN A 672 -19.80 11.36 14.34
CA GLN A 672 -19.93 11.67 12.92
C GLN A 672 -18.64 11.50 12.13
N ARG A 673 -17.53 11.97 12.69
CA ARG A 673 -16.23 11.92 12.02
C ARG A 673 -15.78 10.50 11.76
N MET A 674 -15.91 9.64 12.78
CA MET A 674 -15.46 8.25 12.68
C MET A 674 -16.19 7.49 11.61
N GLY A 675 -15.49 6.54 11.00
CA GLY A 675 -16.08 5.71 9.96
C GLY A 675 -16.58 4.40 10.51
N PHE A 676 -17.77 4.00 10.09
CA PHE A 676 -18.28 2.68 10.41
C PHE A 676 -18.57 1.93 9.12
N GLY A 677 -17.76 0.91 8.87
CA GLY A 677 -17.79 0.21 7.59
C GLY A 677 -18.81 -0.90 7.48
N ASN A 678 -18.73 -1.61 6.35
CA ASN A 678 -19.63 -2.72 6.03
C ASN A 678 -18.88 -3.79 5.24
N LEU A 679 -19.11 -5.05 5.59
CA LEU A 679 -18.61 -6.20 4.84
C LEU A 679 -19.52 -7.38 5.12
N ASN A 680 -19.81 -8.17 4.10
CA ASN A 680 -20.76 -9.28 4.22
C ASN A 680 -20.22 -10.63 3.79
N LYS A 681 -20.84 -11.69 4.31
CA LYS A 681 -20.39 -13.06 4.04
C LYS A 681 -21.50 -13.92 3.42
N VAL A 682 -21.10 -14.83 2.53
CA VAL A 682 -22.02 -15.80 1.96
C VAL A 682 -21.56 -17.20 2.33
N VAL A 683 -22.41 -17.93 3.06
CA VAL A 683 -22.08 -19.28 3.51
C VAL A 683 -22.69 -20.32 2.59
N LEU A 684 -21.84 -21.09 1.93
CA LEU A 684 -22.28 -22.15 1.01
C LEU A 684 -21.98 -23.53 1.62
N CYS A 685 -23.04 -24.29 1.86
CA CYS A 685 -22.91 -25.61 2.48
C CYS A 685 -23.21 -26.73 1.49
N PHE A 686 -22.17 -27.49 1.14
CA PHE A 686 -22.30 -28.57 0.17
C PHE A 686 -22.27 -29.94 0.85
N ASP A 687 -22.61 -30.97 0.08
CA ASP A 687 -22.56 -32.36 0.55
C ASP A 687 -21.21 -33.03 0.26
N ARG A 688 -20.34 -32.33 -0.48
CA ARG A 688 -19.05 -32.86 -0.87
C ARG A 688 -18.02 -31.77 -1.19
N VAL A 689 -16.77 -32.01 -0.80
CA VAL A 689 -15.66 -31.12 -1.09
C VAL A 689 -15.25 -31.24 -2.57
N PHE A 690 -15.36 -30.14 -3.30
CA PHE A 690 -14.94 -30.12 -4.71
C PHE A 690 -13.78 -29.15 -4.95
N TRP A 691 -13.24 -28.60 -3.88
CA TRP A 691 -12.13 -27.65 -3.95
C TRP A 691 -10.87 -28.28 -3.46
N ASP A 692 -9.77 -27.54 -3.52
CA ASP A 692 -8.48 -28.00 -3.01
C ASP A 692 -8.48 -27.97 -1.48
N PRO A 693 -8.52 -29.16 -0.83
CA PRO A 693 -8.57 -29.25 0.63
C PRO A 693 -7.33 -28.70 1.33
N SER A 694 -6.19 -28.68 0.64
CA SER A 694 -4.95 -28.16 1.21
C SER A 694 -4.87 -26.63 1.13
N VAL A 695 -5.77 -26.03 0.36
CA VAL A 695 -5.84 -24.58 0.22
C VAL A 695 -6.95 -24.02 1.12
N ASN A 696 -6.60 -23.04 1.95
CA ASN A 696 -7.52 -22.43 2.90
C ASN A 696 -8.35 -21.31 2.28
N LEU A 697 -7.79 -20.65 1.27
CA LEU A 697 -8.46 -19.52 0.63
C LEU A 697 -8.01 -19.26 -0.80
N PHE A 698 -8.97 -18.99 -1.67
CA PHE A 698 -8.68 -18.63 -3.05
C PHE A 698 -9.48 -17.40 -3.47
N GLY A 699 -8.85 -16.57 -4.32
CA GLY A 699 -9.49 -15.34 -4.79
C GLY A 699 -10.14 -15.47 -6.15
N HIS A 700 -11.09 -14.58 -6.42
CA HIS A 700 -11.69 -14.43 -7.74
C HIS A 700 -11.51 -13.00 -8.17
N VAL A 701 -10.99 -12.81 -9.37
CA VAL A 701 -10.75 -11.48 -9.91
C VAL A 701 -11.97 -11.00 -10.68
N GLY A 702 -12.48 -9.83 -10.30
CA GLY A 702 -13.67 -9.26 -10.93
C GLY A 702 -13.37 -8.70 -12.31
N SER A 703 -14.42 -8.29 -13.00
CA SER A 703 -14.31 -7.74 -14.35
C SER A 703 -14.03 -6.24 -14.35
N THR A 704 -14.60 -5.54 -13.38
CA THR A 704 -14.51 -4.09 -13.32
C THR A 704 -13.91 -3.64 -11.99
N THR A 705 -13.51 -2.37 -11.93
CA THR A 705 -13.13 -1.72 -10.68
C THR A 705 -14.35 -1.67 -9.76
N ALA A 706 -15.50 -1.32 -10.33
CA ALA A 706 -16.76 -1.16 -9.59
C ALA A 706 -17.18 -2.41 -8.82
N SER A 707 -16.79 -3.58 -9.31
CA SER A 707 -17.23 -4.84 -8.73
C SER A 707 -16.08 -5.64 -8.12
N ARG A 708 -14.98 -4.97 -7.81
CA ARG A 708 -13.77 -5.67 -7.35
C ARG A 708 -13.96 -6.43 -6.03
N GLY A 709 -14.91 -5.98 -5.22
CA GLY A 709 -15.19 -6.62 -3.93
C GLY A 709 -16.26 -7.69 -3.97
N GLU A 710 -16.95 -7.81 -5.11
CA GLU A 710 -18.06 -8.74 -5.25
C GLU A 710 -17.58 -10.19 -5.31
N LEU A 711 -17.83 -10.92 -4.23
CA LEU A 711 -17.45 -12.34 -4.11
C LEU A 711 -15.97 -12.60 -4.46
N PHE A 712 -15.12 -11.65 -4.06
CA PHE A 712 -13.73 -11.60 -4.50
C PHE A 712 -12.84 -12.62 -3.80
N LEU A 713 -13.35 -13.27 -2.76
CA LEU A 713 -12.53 -14.18 -1.96
C LEU A 713 -13.37 -15.30 -1.34
N PHE A 714 -12.78 -16.49 -1.27
CA PHE A 714 -13.46 -17.67 -0.72
C PHE A 714 -12.62 -18.31 0.38
N TRP A 715 -13.30 -18.82 1.42
CA TRP A 715 -12.63 -19.43 2.56
C TRP A 715 -13.02 -20.86 2.73
N ASN A 716 -12.00 -21.71 2.86
CA ASN A 716 -12.17 -23.11 3.21
C ASN A 716 -11.52 -23.31 4.58
N LEU A 717 -12.35 -23.36 5.62
CA LEU A 717 -11.85 -23.34 7.00
C LEU A 717 -12.41 -24.45 7.89
N TYR A 718 -13.66 -24.82 7.65
CA TYR A 718 -14.39 -25.67 8.59
C TYR A 718 -14.34 -27.16 8.25
N LYS A 719 -14.67 -28.00 9.25
CA LYS A 719 -14.68 -29.45 9.12
C LYS A 719 -15.61 -29.91 8.00
N ALA A 720 -16.87 -29.51 8.09
CA ALA A 720 -17.86 -29.78 7.06
C ALA A 720 -17.49 -29.10 5.73
N PRO A 721 -17.97 -29.65 4.61
CA PRO A 721 -17.78 -29.00 3.30
C PRO A 721 -18.50 -27.65 3.20
N ILE A 722 -17.86 -26.60 3.68
CA ILE A 722 -18.40 -25.24 3.62
C ILE A 722 -17.41 -24.28 2.95
N LEU A 723 -17.89 -23.57 1.94
CA LEU A 723 -17.14 -22.47 1.35
C LEU A 723 -17.78 -21.14 1.71
N LEU A 724 -16.95 -20.18 2.12
CA LEU A 724 -17.42 -18.89 2.61
C LEU A 724 -16.90 -17.78 1.71
N ALA A 725 -17.81 -16.99 1.14
CA ALA A 725 -17.43 -15.93 0.20
C ALA A 725 -17.65 -14.53 0.75
N LEU A 726 -16.72 -13.63 0.45
CA LEU A 726 -16.77 -12.25 0.94
C LEU A 726 -17.37 -11.28 -0.06
N VAL A 727 -18.20 -10.37 0.43
CA VAL A 727 -18.65 -9.23 -0.37
C VAL A 727 -18.12 -7.96 0.29
N ALA A 728 -17.15 -7.32 -0.34
CA ALA A 728 -16.44 -6.21 0.29
C ALA A 728 -16.57 -4.90 -0.49
N GLY A 729 -15.92 -3.86 0.01
CA GLY A 729 -15.86 -2.55 -0.65
C GLY A 729 -17.23 -1.97 -0.97
N GLU A 730 -17.33 -1.33 -2.14
CA GLU A 730 -18.58 -0.75 -2.61
C GLU A 730 -19.65 -1.82 -2.84
N ALA A 731 -19.23 -2.99 -3.30
CA ALA A 731 -20.13 -4.12 -3.56
C ALA A 731 -20.93 -4.52 -2.33
N ALA A 732 -20.29 -4.52 -1.16
CA ALA A 732 -20.92 -4.90 0.10
C ALA A 732 -22.28 -4.24 0.30
N GLY A 733 -22.30 -2.90 0.17
CA GLY A 733 -23.51 -2.10 0.38
C GLY A 733 -24.61 -2.37 -0.63
N ILE A 734 -24.23 -2.50 -1.90
CA ILE A 734 -25.20 -2.69 -2.99
C ILE A 734 -25.82 -4.09 -2.98
N MET A 735 -25.01 -5.10 -2.65
CA MET A 735 -25.45 -6.50 -2.66
C MET A 735 -26.52 -6.82 -1.61
N GLU A 736 -26.71 -5.91 -0.65
CA GLU A 736 -27.71 -6.10 0.40
C GLU A 736 -29.13 -5.91 -0.12
N ASN A 737 -29.27 -5.19 -1.24
CA ASN A 737 -30.55 -5.02 -1.92
C ASN A 737 -30.82 -6.07 -2.98
N ILE A 738 -30.14 -7.21 -2.87
CA ILE A 738 -30.24 -8.30 -3.84
C ILE A 738 -30.53 -9.59 -3.10
N SER A 739 -31.49 -10.37 -3.59
CA SER A 739 -31.95 -11.58 -2.89
C SER A 739 -30.87 -12.65 -2.76
N ASP A 740 -31.02 -13.50 -1.75
CA ASP A 740 -30.07 -14.57 -1.46
C ASP A 740 -29.84 -15.49 -2.65
N ASP A 741 -30.93 -15.89 -3.30
CA ASP A 741 -30.88 -16.77 -4.47
C ASP A 741 -29.99 -16.23 -5.59
N VAL A 742 -30.16 -14.95 -5.90
CA VAL A 742 -29.34 -14.27 -6.91
C VAL A 742 -27.86 -14.28 -6.52
N ILE A 743 -27.57 -13.98 -5.26
CA ILE A 743 -26.20 -13.94 -4.76
C ILE A 743 -25.55 -15.34 -4.79
N VAL A 744 -26.30 -16.33 -4.30
CA VAL A 744 -25.84 -17.72 -4.31
C VAL A 744 -25.63 -18.21 -5.76
N GLY A 745 -26.45 -17.70 -6.67
CA GLY A 745 -26.29 -17.95 -8.10
C GLY A 745 -24.94 -17.47 -8.60
N ARG A 746 -24.66 -16.19 -8.37
CA ARG A 746 -23.38 -15.58 -8.76
C ARG A 746 -22.19 -16.32 -8.15
N CYS A 747 -22.37 -16.86 -6.95
CA CYS A 747 -21.36 -17.68 -6.27
C CYS A 747 -21.06 -18.97 -7.03
N LEU A 748 -22.13 -19.71 -7.36
CA LEU A 748 -21.99 -20.96 -8.08
C LEU A 748 -21.41 -20.72 -9.47
N ALA A 749 -21.90 -19.67 -10.13
CA ALA A 749 -21.36 -19.23 -11.42
C ALA A 749 -19.83 -19.17 -11.37
N ILE A 750 -19.29 -18.38 -10.45
CA ILE A 750 -17.85 -18.22 -10.28
C ILE A 750 -17.18 -19.56 -9.97
N LEU A 751 -17.78 -20.33 -9.06
CA LEU A 751 -17.25 -21.64 -8.66
C LEU A 751 -17.20 -22.65 -9.82
N LYS A 752 -18.26 -22.66 -10.63
CA LYS A 752 -18.33 -23.50 -11.83
C LYS A 752 -17.21 -23.12 -12.81
N GLY A 753 -17.02 -21.82 -12.97
CA GLY A 753 -15.97 -21.28 -13.85
C GLY A 753 -14.57 -21.69 -13.45
N ILE A 754 -14.38 -21.99 -12.16
CA ILE A 754 -13.06 -22.33 -11.64
C ILE A 754 -12.83 -23.83 -11.52
N PHE A 755 -13.86 -24.57 -11.12
CA PHE A 755 -13.70 -25.98 -10.79
C PHE A 755 -14.33 -26.98 -11.77
N GLY A 756 -15.15 -26.46 -12.68
CA GLY A 756 -15.82 -27.32 -13.65
C GLY A 756 -17.33 -27.24 -13.50
N SER A 757 -18.01 -26.95 -14.61
CA SER A 757 -19.45 -26.72 -14.64
C SER A 757 -20.29 -27.84 -13.99
N SER A 758 -19.81 -29.07 -14.10
CA SER A 758 -20.52 -30.22 -13.53
C SER A 758 -19.80 -30.78 -12.30
N ALA A 759 -18.85 -30.00 -11.75
CA ALA A 759 -18.15 -30.39 -10.54
C ALA A 759 -18.68 -29.64 -9.30
N VAL A 760 -19.52 -28.64 -9.54
CA VAL A 760 -20.09 -27.79 -8.48
C VAL A 760 -21.60 -28.07 -8.31
N PRO A 761 -21.97 -28.83 -7.26
CA PRO A 761 -23.37 -29.18 -7.02
C PRO A 761 -24.18 -28.00 -6.48
N GLN A 762 -25.49 -28.19 -6.34
CA GLN A 762 -26.34 -27.22 -5.67
C GLN A 762 -26.14 -27.29 -4.16
N PRO A 763 -25.95 -26.13 -3.51
CA PRO A 763 -25.72 -26.07 -2.07
C PRO A 763 -26.94 -26.52 -1.27
N LYS A 764 -26.70 -27.29 -0.21
CA LYS A 764 -27.77 -27.79 0.65
C LYS A 764 -28.32 -26.73 1.60
N GLU A 765 -27.42 -25.87 2.10
CA GLU A 765 -27.79 -24.76 2.99
C GLU A 765 -27.03 -23.48 2.62
N THR A 766 -27.73 -22.35 2.59
CA THR A 766 -27.09 -21.05 2.29
C THR A 766 -27.55 -19.91 3.19
N VAL A 767 -26.59 -19.11 3.66
CA VAL A 767 -26.86 -17.94 4.50
C VAL A 767 -26.10 -16.72 3.96
N VAL A 768 -26.80 -15.58 3.88
CA VAL A 768 -26.19 -14.32 3.43
C VAL A 768 -26.39 -13.21 4.45
N SER A 769 -25.28 -12.68 4.98
CA SER A 769 -25.33 -11.62 5.97
C SER A 769 -25.71 -10.26 5.38
N ARG A 770 -26.36 -9.42 6.19
CA ARG A 770 -26.65 -8.03 5.84
C ARG A 770 -26.42 -7.13 7.05
N TRP A 771 -25.16 -6.79 7.28
CA TRP A 771 -24.77 -6.08 8.49
C TRP A 771 -25.21 -4.64 8.53
N ARG A 772 -25.15 -3.95 7.39
CA ARG A 772 -25.61 -2.56 7.34
C ARG A 772 -27.12 -2.48 7.54
N ALA A 773 -27.82 -3.54 7.12
CA ALA A 773 -29.28 -3.61 7.27
C ALA A 773 -29.66 -3.91 8.72
N ASP A 774 -28.86 -4.73 9.38
CA ASP A 774 -29.12 -5.15 10.76
C ASP A 774 -29.25 -3.94 11.69
N PRO A 775 -30.43 -3.78 12.33
CA PRO A 775 -30.70 -2.66 13.23
C PRO A 775 -29.82 -2.60 14.48
N TRP A 776 -29.29 -3.75 14.90
CA TRP A 776 -28.45 -3.81 16.10
C TRP A 776 -26.97 -3.80 15.79
N ALA A 777 -26.65 -3.41 14.57
CA ALA A 777 -25.26 -3.25 14.14
C ALA A 777 -25.12 -2.01 13.26
N ARG A 778 -25.93 -1.95 12.20
CA ARG A 778 -25.91 -0.84 11.24
C ARG A 778 -24.56 -0.72 10.51
N GLY A 779 -23.91 -1.88 10.33
CA GLY A 779 -22.61 -1.97 9.69
C GLY A 779 -21.80 -3.10 10.28
N SER A 780 -20.54 -3.20 9.89
CA SER A 780 -19.69 -4.32 10.27
C SER A 780 -18.71 -3.98 11.40
N TYR A 781 -17.81 -3.04 11.16
CA TYR A 781 -16.90 -2.52 12.18
C TYR A 781 -16.30 -1.19 11.74
N SER A 782 -15.74 -0.46 12.70
CA SER A 782 -15.25 0.89 12.43
C SER A 782 -13.95 0.90 11.63
N TYR A 783 -13.65 2.06 11.06
CA TYR A 783 -12.40 2.31 10.37
C TYR A 783 -12.01 3.76 10.59
N VAL A 784 -10.75 4.09 10.31
CA VAL A 784 -10.30 5.47 10.43
C VAL A 784 -10.68 6.22 9.15
N ALA A 785 -11.78 6.96 9.20
CA ALA A 785 -12.24 7.73 8.05
C ALA A 785 -11.32 8.91 7.79
N ALA A 786 -11.35 9.43 6.56
CA ALA A 786 -10.62 10.64 6.22
C ALA A 786 -11.20 11.81 7.02
N GLY A 787 -10.33 12.57 7.68
CA GLY A 787 -10.76 13.65 8.56
C GLY A 787 -10.88 13.21 10.01
N SER A 788 -10.75 11.90 10.22
CA SER A 788 -10.70 11.33 11.56
C SER A 788 -9.26 10.93 11.88
N SER A 789 -9.02 10.55 13.13
CA SER A 789 -7.72 10.00 13.54
C SER A 789 -7.93 8.96 14.62
N GLY A 790 -6.83 8.37 15.10
CA GLY A 790 -6.90 7.42 16.21
C GLY A 790 -7.38 8.11 17.47
N ASN A 791 -7.20 9.43 17.50
CA ASN A 791 -7.57 10.23 18.65
C ASN A 791 -9.08 10.30 18.89
N ASP A 792 -9.86 10.09 17.84
CA ASP A 792 -11.32 10.04 17.95
C ASP A 792 -11.78 8.82 18.75
N TYR A 793 -11.04 7.73 18.64
CA TYR A 793 -11.29 6.52 19.42
C TYR A 793 -11.16 6.79 20.90
N ASP A 794 -10.18 7.63 21.27
CA ASP A 794 -10.01 8.06 22.64
C ASP A 794 -11.22 8.85 23.12
N LEU A 795 -11.65 9.83 22.32
CA LEU A 795 -12.86 10.59 22.61
C LEU A 795 -14.07 9.69 22.86
N MET A 796 -14.20 8.61 22.09
CA MET A 796 -15.28 7.65 22.27
C MET A 796 -15.25 6.98 23.64
N ALA A 797 -14.05 6.74 24.17
CA ALA A 797 -13.90 6.03 25.43
C ALA A 797 -14.15 6.92 26.68
N GLN A 798 -13.97 8.23 26.51
CA GLN A 798 -14.16 9.20 27.60
C GLN A 798 -15.58 9.21 28.14
N PRO A 799 -15.74 8.95 29.46
CA PRO A 799 -17.06 8.92 30.10
C PRO A 799 -17.73 10.30 30.17
N ILE A 800 -19.03 10.31 30.44
CA ILE A 800 -19.79 11.56 30.58
C ILE A 800 -20.18 11.80 32.04
N THR A 801 -19.93 13.03 32.49
CA THR A 801 -20.32 13.49 33.82
C THR A 801 -21.46 14.50 33.69
N PRO A 802 -22.63 14.19 34.28
CA PRO A 802 -23.80 15.07 34.21
C PRO A 802 -23.58 16.36 34.99
N GLY A 803 -24.36 17.40 34.66
CA GLY A 803 -24.38 18.63 35.45
C GLY A 803 -24.95 18.37 36.84
N PRO A 804 -24.89 19.39 37.73
CA PRO A 804 -25.44 19.19 39.07
C PRO A 804 -26.96 19.30 39.06
N SER A 805 -27.61 18.68 40.04
CA SER A 805 -29.07 18.81 40.21
C SER A 805 -29.41 20.21 40.74
N ILE A 806 -29.08 20.45 42.00
CA ILE A 806 -29.17 21.77 42.60
C ILE A 806 -28.04 22.63 42.01
N PRO A 807 -28.36 23.86 41.57
CA PRO A 807 -27.27 24.75 41.13
C PRO A 807 -26.37 25.11 42.31
N GLY A 808 -25.06 25.06 42.10
CA GLY A 808 -24.08 25.32 43.15
C GLY A 808 -23.66 24.10 43.96
N ALA A 809 -24.26 22.95 43.65
CA ALA A 809 -23.87 21.69 44.25
C ALA A 809 -22.56 21.20 43.61
N PRO A 810 -21.74 20.45 44.37
CA PRO A 810 -20.39 20.04 43.91
C PRO A 810 -20.40 19.22 42.62
N GLN A 811 -19.25 19.22 41.93
CA GLN A 811 -19.04 18.44 40.71
C GLN A 811 -19.34 16.94 40.93
N PRO A 812 -20.28 16.40 40.14
CA PRO A 812 -20.72 15.02 40.33
C PRO A 812 -19.73 13.96 39.84
N ILE A 813 -20.04 12.72 40.16
CA ILE A 813 -19.36 11.52 39.67
C ILE A 813 -19.70 11.37 38.17
N PRO A 814 -18.75 10.82 37.37
CA PRO A 814 -19.07 10.39 36.00
C PRO A 814 -20.06 9.24 36.01
N ARG A 815 -21.08 9.32 35.15
CA ARG A 815 -22.21 8.38 35.17
C ARG A 815 -22.30 7.46 33.95
N LEU A 816 -22.02 8.01 32.77
CA LEU A 816 -22.17 7.30 31.50
C LEU A 816 -20.81 6.91 30.93
N PHE A 817 -20.60 5.61 30.76
CA PHE A 817 -19.31 5.06 30.34
C PHE A 817 -19.43 4.33 28.99
N PHE A 818 -18.34 4.31 28.23
CA PHE A 818 -18.38 3.73 26.88
C PHE A 818 -17.31 2.68 26.63
N ALA A 819 -17.76 1.49 26.25
CA ALA A 819 -16.87 0.43 25.80
C ALA A 819 -17.25 0.04 24.38
N GLY A 820 -16.48 -0.87 23.79
CA GLY A 820 -16.77 -1.34 22.45
C GLY A 820 -15.60 -1.19 21.50
N GLU A 821 -15.60 -2.06 20.50
CA GLU A 821 -14.65 -2.08 19.39
C GLU A 821 -14.25 -0.67 18.88
N HIS A 822 -15.20 0.25 18.88
CA HIS A 822 -14.96 1.61 18.38
C HIS A 822 -14.36 2.55 19.39
N THR A 823 -14.01 2.04 20.57
CA THR A 823 -13.51 2.88 21.67
C THR A 823 -12.05 2.60 22.03
N ILE A 824 -11.43 1.66 21.33
CA ILE A 824 -10.06 1.26 21.65
C ILE A 824 -9.08 1.59 20.51
N ARG A 825 -8.38 2.71 20.68
CA ARG A 825 -7.44 3.26 19.70
C ARG A 825 -6.43 2.24 19.13
N ASN A 826 -5.90 1.39 19.98
CA ASN A 826 -4.82 0.48 19.60
C ASN A 826 -5.24 -0.90 19.09
N TYR A 827 -6.53 -1.22 19.22
CA TYR A 827 -7.03 -2.52 18.73
C TYR A 827 -8.45 -2.41 18.17
N PRO A 828 -8.71 -1.38 17.33
CA PRO A 828 -10.10 -1.20 16.87
C PRO A 828 -10.55 -2.31 15.94
N ALA A 829 -11.86 -2.37 15.72
CA ALA A 829 -12.48 -3.29 14.78
C ALA A 829 -12.15 -4.78 14.99
N THR A 830 -11.93 -5.19 16.23
CA THR A 830 -11.59 -6.59 16.53
C THR A 830 -12.34 -7.14 17.74
N VAL A 831 -12.29 -8.46 17.92
CA VAL A 831 -12.84 -9.08 19.13
C VAL A 831 -11.99 -8.76 20.34
N HIS A 832 -10.69 -9.02 20.24
CA HIS A 832 -9.78 -8.72 21.34
C HIS A 832 -9.85 -7.27 21.73
N GLY A 833 -10.03 -6.39 20.75
CA GLY A 833 -10.15 -4.97 21.00
C GLY A 833 -11.37 -4.64 21.84
N ALA A 834 -12.50 -5.24 21.47
CA ALA A 834 -13.73 -5.10 22.26
C ALA A 834 -13.50 -5.64 23.67
N LEU A 835 -13.12 -6.91 23.72
CA LEU A 835 -12.78 -7.60 24.98
C LEU A 835 -11.99 -6.68 25.89
N LEU A 836 -10.90 -6.11 25.38
CA LEU A 836 -10.03 -5.22 26.16
C LEU A 836 -10.71 -3.94 26.61
N SER A 837 -11.55 -3.35 25.75
CA SER A 837 -12.28 -2.13 26.08
C SER A 837 -13.25 -2.36 27.25
N GLY A 838 -13.87 -3.54 27.25
CA GLY A 838 -14.71 -3.97 28.35
C GLY A 838 -13.93 -4.11 29.64
N LEU A 839 -12.76 -4.75 29.56
CA LEU A 839 -11.89 -4.85 30.72
C LEU A 839 -11.51 -3.46 31.21
N ARG A 840 -11.24 -2.56 30.26
CA ARG A 840 -10.84 -1.18 30.57
C ARG A 840 -11.91 -0.46 31.37
N GLU A 841 -13.15 -0.49 30.88
CA GLU A 841 -14.24 0.26 31.51
C GLU A 841 -14.63 -0.30 32.86
N ALA A 842 -14.62 -1.63 32.98
CA ALA A 842 -14.88 -2.28 34.25
C ALA A 842 -13.89 -1.79 35.30
N GLY A 843 -12.62 -1.71 34.93
CA GLY A 843 -11.60 -1.15 35.82
C GLY A 843 -11.94 0.27 36.23
N ARG A 844 -12.25 1.11 35.25
CA ARG A 844 -12.52 2.54 35.46
C ARG A 844 -13.76 2.76 36.33
N ILE A 845 -14.79 1.96 36.08
CA ILE A 845 -16.04 2.03 36.84
C ILE A 845 -15.83 1.59 38.30
N ALA A 846 -15.12 0.47 38.47
CA ALA A 846 -14.81 -0.03 39.81
C ALA A 846 -14.02 0.99 40.62
N ASP A 847 -13.00 1.60 40.00
CA ASP A 847 -12.24 2.68 40.64
C ASP A 847 -13.15 3.81 41.10
N GLN A 848 -14.14 4.13 40.27
CA GLN A 848 -15.04 5.24 40.51
C GLN A 848 -16.03 4.99 41.65
N PHE A 849 -16.45 3.73 41.82
CA PHE A 849 -17.54 3.40 42.73
C PHE A 849 -17.18 2.48 43.89
N LEU A 850 -15.98 1.91 43.85
CA LEU A 850 -15.48 1.07 44.94
C LEU A 850 -14.16 1.59 45.48
N GLY A 851 -13.63 2.61 44.84
CA GLY A 851 -12.38 3.24 45.26
C GLY A 851 -11.14 2.43 44.91
N ALA A 852 -10.02 3.12 44.75
CA ALA A 852 -8.74 2.48 44.45
C ALA A 852 -7.85 2.48 45.69
N MET A 853 -7.79 1.33 46.37
CA MET A 853 -7.00 1.17 47.59
C MET A 853 -5.51 1.01 47.28
N TYR A 854 -5.21 0.69 46.02
CA TYR A 854 -3.84 0.42 45.55
C TYR A 854 -3.05 1.68 45.14
N THR A 855 -3.72 2.83 45.13
CA THR A 855 -3.09 4.09 44.70
C THR A 855 -2.32 4.80 45.81
N LEU A 856 -2.51 4.36 47.05
CA LEU A 856 -1.78 4.91 48.21
C LEU A 856 -0.32 4.48 48.20
N ARG B 308 12.27 9.02 3.51
CA ARG B 308 13.50 9.50 2.82
C ARG B 308 13.32 9.52 1.29
N LYS B 309 13.26 8.34 0.69
CA LYS B 309 13.12 8.20 -0.76
C LYS B 309 12.02 7.21 -1.14
N PRO B 310 11.34 7.45 -2.29
CA PRO B 310 10.28 6.55 -2.75
C PRO B 310 10.86 5.18 -3.15
N PRO B 311 10.01 4.14 -3.21
CA PRO B 311 10.48 2.84 -3.71
C PRO B 311 11.14 2.99 -5.08
N LYS B 312 12.27 2.32 -5.29
CA LYS B 312 13.06 2.51 -6.52
C LYS B 312 12.33 2.00 -7.75
N GLY B 313 12.09 2.91 -8.70
CA GLY B 313 11.28 2.63 -9.88
C GLY B 313 9.96 3.37 -9.83
N MET B 314 9.48 3.62 -8.62
CA MET B 314 8.32 4.47 -8.37
C MET B 314 8.75 5.92 -8.47
N PHE B 315 8.05 6.71 -9.28
CA PHE B 315 8.43 8.09 -9.52
C PHE B 315 7.41 9.08 -8.99
N LEU B 316 7.83 9.88 -8.00
CA LEU B 316 6.97 10.85 -7.32
C LEU B 316 7.80 12.07 -6.93
N SER B 317 7.55 13.19 -7.58
CA SER B 317 8.22 14.43 -7.21
C SER B 317 7.20 15.46 -6.73
N GLN B 318 7.64 16.36 -5.86
CA GLN B 318 6.81 17.44 -5.32
C GLN B 318 6.11 18.20 -6.44
N GLU B 319 6.85 18.48 -7.50
CA GLU B 319 6.38 19.22 -8.67
C GLU B 319 5.24 18.48 -9.40
N ASP B 320 5.41 17.17 -9.57
CA ASP B 320 4.47 16.34 -10.33
C ASP B 320 3.14 16.11 -9.62
N VAL B 321 3.20 15.91 -8.30
CA VAL B 321 2.00 15.68 -7.50
C VAL B 321 1.05 16.87 -7.59
N GLU B 322 1.61 18.08 -7.46
CA GLU B 322 0.85 19.33 -7.57
C GLU B 322 0.21 19.50 -8.95
N ALA B 323 0.90 19.02 -9.98
CA ALA B 323 0.46 19.16 -11.36
C ALA B 323 -0.71 18.23 -11.72
N VAL B 324 -0.70 17.04 -11.15
CA VAL B 324 -1.71 16.01 -11.47
C VAL B 324 -2.95 16.13 -10.59
N SER B 325 -2.88 16.99 -9.57
CA SER B 325 -4.00 17.21 -8.66
C SER B 325 -4.54 18.65 -8.68
N ALA B 326 -3.92 19.51 -9.50
CA ALA B 326 -4.27 20.94 -9.58
C ALA B 326 -5.77 21.22 -9.75
N ASN B 327 -6.46 20.38 -10.51
CA ASN B 327 -7.92 20.42 -10.59
C ASN B 327 -8.55 19.03 -10.73
N ALA B 328 -9.80 18.98 -11.18
CA ALA B 328 -10.55 17.73 -11.29
C ALA B 328 -10.03 16.80 -12.40
N THR B 329 -9.73 17.38 -13.55
CA THR B 329 -9.31 16.60 -14.73
C THR B 329 -7.88 16.88 -15.19
N ALA B 330 -7.13 17.63 -14.38
CA ALA B 330 -5.71 17.93 -14.65
C ALA B 330 -4.89 16.65 -14.84
N ALA B 331 -5.37 15.57 -14.23
CA ALA B 331 -4.75 14.24 -14.39
C ALA B 331 -4.85 13.75 -15.83
N THR B 332 -6.04 13.86 -16.42
CA THR B 332 -6.27 13.40 -17.79
C THR B 332 -5.68 14.37 -18.81
N THR B 333 -5.64 15.66 -18.46
CA THR B 333 -5.04 16.69 -19.31
C THR B 333 -3.55 16.44 -19.55
N VAL B 334 -2.78 16.27 -18.48
CA VAL B 334 -1.33 16.04 -18.56
C VAL B 334 -1.01 14.75 -19.33
N LEU B 335 -1.82 13.70 -19.11
CA LEU B 335 -1.65 12.43 -19.82
C LEU B 335 -2.05 12.52 -21.30
N ARG B 336 -2.90 13.48 -21.63
CA ARG B 336 -3.30 13.74 -23.03
C ARG B 336 -2.22 14.49 -23.81
N GLN B 337 -1.65 15.53 -23.20
CA GLN B 337 -0.56 16.29 -23.81
C GLN B 337 0.62 15.40 -24.20
N LEU B 338 0.91 14.41 -23.35
CA LEU B 338 1.99 13.47 -23.61
C LEU B 338 1.63 12.43 -24.66
N ASP B 339 0.36 12.06 -24.73
CA ASP B 339 -0.13 11.15 -25.77
C ASP B 339 -0.07 11.79 -27.16
N MET B 340 -0.35 13.09 -27.21
CA MET B 340 -0.20 13.85 -28.45
C MET B 340 1.27 14.07 -28.79
N GLU B 341 2.06 14.49 -27.80
CA GLU B 341 3.51 14.67 -27.98
C GLU B 341 4.20 13.41 -28.49
N LEU B 342 3.66 12.25 -28.10
CA LEU B 342 4.19 10.96 -28.54
C LEU B 342 3.91 10.71 -30.02
N VAL B 343 2.66 10.91 -30.44
CA VAL B 343 2.26 10.78 -31.85
C VAL B 343 3.00 11.80 -32.73
N SER B 344 3.04 13.04 -32.25
CA SER B 344 3.75 14.14 -32.89
C SER B 344 5.21 13.78 -33.20
N VAL B 345 5.89 13.18 -32.22
CA VAL B 345 7.28 12.74 -32.38
C VAL B 345 7.36 11.46 -33.20
N LYS B 346 6.36 10.59 -33.05
CA LYS B 346 6.40 9.28 -33.69
C LYS B 346 6.24 9.35 -35.20
N ARG B 347 5.41 10.27 -35.69
CA ARG B 347 5.25 10.48 -37.13
C ARG B 347 6.39 11.30 -37.73
N GLN B 348 7.02 12.13 -36.90
CA GLN B 348 8.20 12.87 -37.31
C GLN B 348 9.37 11.93 -37.59
N ILE B 349 9.37 10.78 -36.89
CA ILE B 349 10.36 9.73 -37.12
C ILE B 349 10.21 9.13 -38.52
N GLN B 350 9.00 8.68 -38.83
CA GLN B 350 8.71 8.06 -40.13
C GLN B 350 8.88 9.03 -41.29
N ASN B 351 8.76 10.31 -40.99
CA ASN B 351 8.96 11.37 -41.97
C ASN B 351 10.42 11.51 -42.38
N ILE B 352 11.32 11.54 -41.40
CA ILE B 352 12.75 11.62 -41.64
C ILE B 352 13.31 10.26 -42.07
N LYS B 353 12.63 9.19 -41.65
CA LYS B 353 12.96 7.84 -42.09
C LYS B 353 12.73 7.71 -43.59
N GLN B 354 11.66 8.35 -44.08
CA GLN B 354 11.33 8.38 -45.49
C GLN B 354 12.32 9.26 -46.27
N THR B 355 12.66 10.42 -45.72
CA THR B 355 13.63 11.34 -46.31
C THR B 355 15.00 10.70 -46.46
N ASN B 356 15.49 10.08 -45.37
CA ASN B 356 16.78 9.39 -45.38
C ASN B 356 16.82 8.20 -46.32
N SER B 357 15.69 7.52 -46.49
CA SER B 357 15.59 6.39 -47.40
C SER B 357 15.79 6.83 -48.86
N ALA B 358 15.22 7.98 -49.21
CA ALA B 358 15.36 8.56 -50.53
C ALA B 358 16.81 9.02 -50.81
N LEU B 359 17.42 9.68 -49.83
CA LEU B 359 18.81 10.11 -49.93
C LEU B 359 19.78 8.94 -50.00
N LYS B 360 19.40 7.81 -49.40
CA LYS B 360 20.19 6.58 -49.45
C LYS B 360 20.15 5.95 -50.84
N GLU B 361 19.03 6.13 -51.53
CA GLU B 361 18.85 5.58 -52.88
C GLU B 361 19.71 6.34 -53.90
N LYS B 362 19.97 7.61 -53.65
CA LYS B 362 20.83 8.42 -54.50
C LYS B 362 22.30 8.00 -54.39
N LEU B 363 22.76 7.71 -53.18
CA LEU B 363 24.12 7.27 -52.94
C LEU B 363 24.41 5.84 -53.40
N ASP B 364 23.40 5.20 -54.01
CA ASP B 364 23.53 3.82 -54.46
C ASP B 364 24.61 3.66 -55.53
N GLY B 365 25.54 2.74 -55.28
CA GLY B 365 26.70 2.55 -56.14
C GLY B 365 27.98 3.01 -55.47
N GLY B 366 27.82 3.84 -54.43
CA GLY B 366 28.96 4.42 -53.72
C GLY B 366 29.74 5.38 -54.61
N ILE B 367 31.05 5.36 -54.46
CA ILE B 367 31.94 6.14 -55.33
C ILE B 367 32.93 5.21 -56.04
N GLU B 368 32.51 3.97 -56.28
CA GLU B 368 33.37 2.96 -56.89
C GLU B 368 33.78 3.26 -58.33
N PRO B 369 32.84 3.74 -59.17
CA PRO B 369 33.21 4.07 -60.54
C PRO B 369 34.10 5.32 -60.66
N TYR B 370 34.47 5.91 -59.54
CA TYR B 370 35.19 7.19 -59.53
C TYR B 370 36.51 7.15 -58.79
N ARG B 371 36.92 5.95 -58.35
CA ARG B 371 38.19 5.79 -57.66
C ARG B 371 39.35 5.61 -58.63
N LEU B 372 40.45 6.28 -58.32
CA LEU B 372 41.68 6.17 -59.12
C LEU B 372 42.73 5.38 -58.35
N PRO B 373 43.35 4.39 -59.03
CA PRO B 373 44.34 3.48 -58.43
C PRO B 373 45.48 4.19 -57.68
N GLU B 374 46.08 3.47 -56.74
CA GLU B 374 47.17 3.98 -55.89
C GLU B 374 48.43 4.26 -56.70
N VAL B 375 49.01 5.44 -56.50
CA VAL B 375 50.28 5.80 -57.13
C VAL B 375 51.43 5.57 -56.13
N ILE B 376 51.97 4.36 -56.14
CA ILE B 376 53.05 3.98 -55.22
C ILE B 376 54.40 4.35 -55.82
N GLN B 377 55.06 5.35 -55.22
CA GLN B 377 56.39 5.77 -55.67
C GLN B 377 57.27 6.24 -54.52
N LYS B 378 58.50 5.74 -54.51
CA LYS B 378 59.46 6.03 -53.44
C LYS B 378 59.94 7.47 -53.46
N CYS B 379 60.25 8.00 -52.27
CA CYS B 379 60.62 9.38 -52.10
C CYS B 379 62.05 9.64 -52.61
N ASN B 380 62.21 10.68 -53.42
CA ASN B 380 63.48 11.00 -54.06
C ASN B 380 64.09 12.31 -53.55
N ALA B 381 65.42 12.38 -53.57
CA ALA B 381 66.16 13.55 -53.09
C ALA B 381 66.33 14.61 -54.18
N ARG B 382 66.50 14.16 -55.43
CA ARG B 382 66.74 15.06 -56.56
C ARG B 382 65.48 15.78 -57.00
N TRP B 383 65.63 17.08 -57.28
CA TRP B 383 64.57 17.88 -57.86
C TRP B 383 64.78 18.02 -59.34
N THR B 384 64.05 17.22 -60.12
CA THR B 384 64.08 17.36 -61.58
C THR B 384 63.33 18.64 -61.96
N THR B 385 63.74 19.25 -63.06
CA THR B 385 63.14 20.50 -63.53
C THR B 385 61.62 20.39 -63.62
N GLU B 386 61.13 19.21 -64.01
CA GLU B 386 59.70 18.90 -64.06
C GLU B 386 59.06 19.07 -62.68
N GLU B 387 59.66 18.42 -61.68
CA GLU B 387 59.15 18.42 -60.31
C GLU B 387 59.12 19.82 -59.70
N GLN B 388 60.10 20.64 -60.06
CA GLN B 388 60.17 22.03 -59.64
C GLN B 388 59.01 22.84 -60.19
N LEU B 389 58.72 22.63 -61.48
CA LEU B 389 57.63 23.33 -62.15
C LEU B 389 56.27 22.89 -61.63
N LEU B 390 56.14 21.59 -61.37
CA LEU B 390 54.97 21.05 -60.66
C LEU B 390 54.78 21.74 -59.31
N ALA B 391 55.88 21.86 -58.57
CA ALA B 391 55.89 22.51 -57.26
C ALA B 391 55.37 23.95 -57.32
N VAL B 392 56.03 24.79 -58.13
CA VAL B 392 55.65 26.20 -58.27
C VAL B 392 54.16 26.36 -58.58
N GLN B 393 53.62 25.47 -59.40
CA GLN B 393 52.20 25.51 -59.75
C GLN B 393 51.32 25.07 -58.59
N ALA B 394 51.78 24.06 -57.84
CA ALA B 394 51.06 23.56 -56.67
C ALA B 394 50.99 24.60 -55.55
N ILE B 395 52.08 25.35 -55.37
CA ILE B 395 52.11 26.47 -54.43
C ILE B 395 51.07 27.51 -54.82
N ARG B 396 50.98 27.80 -56.11
CA ARG B 396 49.99 28.75 -56.63
C ARG B 396 48.55 28.29 -56.37
N LYS B 397 48.33 26.98 -56.40
CA LYS B 397 47.00 26.42 -56.22
C LYS B 397 46.66 26.11 -54.75
N TYR B 398 47.66 25.64 -54.00
CA TYR B 398 47.41 25.14 -52.63
C TYR B 398 47.95 26.02 -51.50
N GLY B 399 48.88 26.91 -51.82
CA GLY B 399 49.44 27.84 -50.85
C GLY B 399 50.45 27.20 -49.91
N ARG B 400 50.05 27.03 -48.65
CA ARG B 400 50.93 26.50 -47.61
C ARG B 400 50.64 25.04 -47.23
N ASP B 401 49.63 24.46 -47.86
CA ASP B 401 49.27 23.06 -47.63
C ASP B 401 50.37 22.13 -48.17
N PHE B 402 51.42 21.94 -47.37
CA PHE B 402 52.59 21.17 -47.77
C PHE B 402 52.27 19.71 -48.07
N GLN B 403 51.17 19.22 -47.50
CA GLN B 403 50.74 17.84 -47.73
C GLN B 403 50.21 17.66 -49.14
N ALA B 404 49.35 18.58 -49.58
CA ALA B 404 48.77 18.56 -50.92
C ALA B 404 49.85 18.72 -52.00
N ILE B 405 50.76 19.67 -51.77
CA ILE B 405 51.88 19.90 -52.68
C ILE B 405 52.78 18.65 -52.79
N SER B 406 52.95 17.96 -51.66
CA SER B 406 53.70 16.70 -51.64
C SER B 406 53.02 15.60 -52.46
N ASP B 407 51.70 15.56 -52.40
CA ASP B 407 50.91 14.54 -53.12
C ASP B 407 50.94 14.78 -54.62
N VAL B 408 50.89 16.06 -55.01
CA VAL B 408 50.89 16.46 -56.42
C VAL B 408 52.20 16.11 -57.12
N ILE B 409 53.32 16.51 -56.52
CA ILE B 409 54.64 16.21 -57.07
C ILE B 409 54.89 14.71 -57.15
N GLY B 410 54.45 13.99 -56.11
CA GLY B 410 54.47 12.53 -56.13
C GLY B 410 55.60 11.90 -55.35
N ASN B 411 56.84 12.31 -55.63
CA ASN B 411 58.02 11.74 -54.97
C ASN B 411 58.80 12.74 -54.12
N LYS B 412 58.07 13.54 -53.34
CA LYS B 412 58.70 14.47 -52.39
C LYS B 412 57.99 14.40 -51.04
N SER B 413 58.78 14.36 -49.97
CA SER B 413 58.26 14.32 -48.61
C SER B 413 57.86 15.72 -48.15
N VAL B 414 56.92 15.77 -47.22
CA VAL B 414 56.36 17.02 -46.69
C VAL B 414 57.45 17.99 -46.22
N VAL B 415 58.54 17.43 -45.72
CA VAL B 415 59.69 18.21 -45.27
C VAL B 415 60.48 18.78 -46.46
N GLN B 416 60.70 17.95 -47.48
CA GLN B 416 61.40 18.37 -48.70
C GLN B 416 60.65 19.53 -49.37
N VAL B 417 59.32 19.48 -49.30
CA VAL B 417 58.46 20.55 -49.79
C VAL B 417 58.75 21.84 -49.01
N LYS B 418 58.80 21.74 -47.68
CA LYS B 418 59.11 22.88 -46.82
C LYS B 418 60.52 23.41 -47.05
N ASN B 419 61.45 22.49 -47.31
CA ASN B 419 62.82 22.84 -47.68
C ASN B 419 62.83 23.66 -48.97
N PHE B 420 62.08 23.18 -49.96
CA PHE B 420 61.93 23.84 -51.26
C PHE B 420 61.52 25.30 -51.11
N PHE B 421 60.54 25.56 -50.24
CA PHE B 421 60.07 26.92 -49.94
C PHE B 421 61.21 27.85 -49.53
N VAL B 422 62.21 27.29 -48.86
CA VAL B 422 63.34 28.06 -48.36
C VAL B 422 64.48 28.09 -49.39
N ASN B 423 64.74 26.94 -50.00
CA ASN B 423 65.84 26.80 -50.97
C ASN B 423 65.70 27.70 -52.20
N TYR B 424 64.56 27.61 -52.87
CA TYR B 424 64.34 28.32 -54.13
C TYR B 424 63.43 29.55 -53.93
N ARG B 425 63.46 30.11 -52.73
CA ARG B 425 62.64 31.25 -52.34
C ARG B 425 62.84 32.46 -53.25
N ARG B 426 64.10 32.77 -53.55
CA ARG B 426 64.44 33.91 -54.40
C ARG B 426 64.19 33.63 -55.88
N ARG B 427 64.66 32.47 -56.33
CA ARG B 427 64.66 32.11 -57.75
C ARG B 427 63.27 31.78 -58.31
N PHE B 428 62.35 31.39 -57.44
CA PHE B 428 60.97 31.12 -57.86
C PHE B 428 59.96 32.10 -57.26
N ASN B 429 60.44 33.29 -56.87
CA ASN B 429 59.60 34.33 -56.25
C ASN B 429 58.43 33.77 -55.45
N ILE B 430 58.72 32.81 -54.58
CA ILE B 430 57.69 32.09 -53.81
C ILE B 430 56.87 33.05 -52.93
N ASP B 431 57.45 34.22 -52.64
CA ASP B 431 56.72 35.31 -51.98
C ASP B 431 55.54 35.77 -52.83
N GLU B 432 55.83 36.11 -54.09
CA GLU B 432 54.81 36.55 -55.04
C GLU B 432 53.78 35.45 -55.30
N VAL B 433 54.26 34.23 -55.49
CA VAL B 433 53.39 33.08 -55.74
C VAL B 433 52.39 32.88 -54.61
N LEU B 434 52.88 32.99 -53.37
CA LEU B 434 52.04 32.82 -52.18
C LEU B 434 51.05 33.96 -51.97
N GLN B 435 51.48 35.19 -52.23
CA GLN B 435 50.63 36.37 -52.05
C GLN B 435 49.49 36.43 -53.08
N GLU B 436 49.66 35.70 -54.17
CA GLU B 436 48.62 35.61 -55.19
C GLU B 436 47.63 34.48 -54.93
N TRP B 437 48.07 33.46 -54.19
CA TRP B 437 47.17 32.43 -53.68
C TRP B 437 46.26 33.01 -52.64
N GLU B 438 46.82 33.91 -51.83
CA GLU B 438 46.08 34.66 -50.82
C GLU B 438 45.09 35.63 -51.44
N ALA B 439 45.41 36.10 -52.64
CA ALA B 439 44.54 37.01 -53.39
C ALA B 439 43.20 36.37 -53.82
N GLU B 440 43.20 35.05 -53.95
CA GLU B 440 41.98 34.30 -54.29
C GLU B 440 41.20 33.89 -53.03
N PRO C 1 -9.41 -3.65 10.35
CA PRO C 1 -8.10 -3.02 10.22
C PRO C 1 -7.20 -3.77 9.22
N ARG C 2 -6.02 -3.21 8.96
CA ARG C 2 -5.07 -3.79 8.01
C ARG C 2 -4.75 -5.26 8.28
N SER C 3 -4.63 -5.63 9.55
CA SER C 3 -4.26 -6.99 9.94
C SER C 3 -5.21 -8.07 9.41
N PHE C 4 -6.41 -7.66 8.98
CA PHE C 4 -7.39 -8.60 8.44
C PHE C 4 -7.04 -9.04 7.01
N ALA C 5 -6.33 -8.18 6.29
CA ALA C 5 -6.01 -8.40 4.88
C ALA C 5 -5.23 -9.69 4.65
N VAL C 6 -5.70 -10.46 3.68
CA VAL C 6 -5.11 -11.74 3.31
C VAL C 6 -3.66 -11.58 2.84
#